data_4ZGZ
#
_entry.id   4ZGZ
#
_cell.length_a   166.563
_cell.length_b   166.563
_cell.length_c   144.864
_cell.angle_alpha   90.00
_cell.angle_beta   90.00
_cell.angle_gamma   120.00
#
_symmetry.space_group_name_H-M   'P 32'
#
loop_
_entity.id
_entity.type
_entity.pdbx_description
1 polymer 'Antizyme inhibitor 1'
2 polymer 'Ornithine decarboxylase antizyme 1'
#
loop_
_entity_poly.entity_id
_entity_poly.type
_entity_poly.pdbx_seq_one_letter_code
_entity_poly.pdbx_strand_id
1 'polypeptide(L)'
;MGKGFIDDANYSVGLLDEGTDLGNVIDNYVYEHTLTGKNAFFVGDLGKIVKKHSQWQNVVAQIKPFYTVKCNSAPAVLEI
LAALGTGFACSSKNEMALVQELGVPPENIIYISPCKQVSQIKYAAKVGVNILTCDNEIELKKIARNHPNAKVLLHIATED
NIGGEEGNMKFGTTLKNCRHLLECAKELDVQIIGVKFHVSSACKESQVYVHALSDARCVFDMAGEIGFTMNMLDIGGGFT
GTEFQLEEVNHVISPLLDIYFPEGSGVKIISEPGSYYVSSAFTLAVNIIAKKVVENDKFPSGVEKTGSDEPAFMYYMNDG
VYGSFASKLSEDLNTIPEVHKKYKEDEPLFTSSLWGPSCDELDQIVESCLLPELNVGDWLIFDNMGADSFHEPSAFNDFQ
RPAIYYMMSFSDWYEMQDAGITSDSMMKNFFFVPSCIQ
;
A,C
2 'polypeptide(L)'
;MNDKTRILNVQSRLTDAKRINWRTVLSGGSLYIEIPGGALPEGSKDSFAVLLEFAEEQLRADHVFICFHKNREDRAALLR
TFSFLGFEIVRPGHPLVPKRPDACFMAYTFERESSGEEEELEHHHHHH
;
B,D
#
# COMPACT_ATOMS: atom_id res chain seq x y z
N TYR A 11 29.09 23.26 32.40
CA TYR A 11 29.90 22.48 31.48
C TYR A 11 31.03 21.75 32.21
N SER A 12 30.67 20.79 33.04
CA SER A 12 31.65 20.04 33.82
C SER A 12 31.27 18.58 33.99
N VAL A 13 32.17 17.68 33.61
CA VAL A 13 31.94 16.25 33.76
C VAL A 13 33.03 15.58 34.61
N GLY A 14 32.62 14.87 35.64
CA GLY A 14 33.56 14.25 36.57
C GLY A 14 34.10 12.92 36.10
N LEU A 15 35.30 12.58 36.54
CA LEU A 15 35.91 11.30 36.22
C LEU A 15 35.28 10.15 37.00
N LEU A 16 35.38 8.94 36.47
CA LEU A 16 34.87 7.76 37.15
C LEU A 16 35.80 6.57 36.92
N ASP A 17 36.25 5.95 38.00
CA ASP A 17 37.05 4.74 37.92
C ASP A 17 36.19 3.53 38.24
N GLU A 18 36.76 2.34 38.10
CA GLU A 18 36.01 1.10 38.33
C GLU A 18 35.53 0.97 39.78
N GLY A 19 36.18 1.67 40.70
CA GLY A 19 35.80 1.60 42.10
C GLY A 19 34.60 2.49 42.39
N THR A 20 34.36 3.47 41.51
CA THR A 20 33.27 4.41 41.67
C THR A 20 32.13 4.12 40.70
N ASP A 21 30.92 4.48 41.10
CA ASP A 21 29.73 4.24 40.28
C ASP A 21 28.82 5.47 40.28
N LEU A 22 27.70 5.36 39.58
CA LEU A 22 26.73 6.45 39.53
C LEU A 22 26.07 6.62 40.90
N GLY A 23 26.06 5.54 41.66
CA GLY A 23 25.46 5.53 42.98
C GLY A 23 26.07 6.56 43.90
N ASN A 24 27.39 6.70 43.87
CA ASN A 24 28.06 7.63 44.78
C ASN A 24 28.00 9.10 44.37
N VAL A 25 27.92 9.36 43.07
CA VAL A 25 27.72 10.75 42.61
C VAL A 25 26.27 11.18 42.85
N ILE A 26 25.35 10.24 42.68
CA ILE A 26 23.94 10.47 43.00
C ILE A 26 23.81 10.76 44.49
N ASP A 27 24.39 9.90 45.31
CA ASP A 27 24.32 10.03 46.76
C ASP A 27 25.01 11.29 47.28
N ASN A 28 26.12 11.67 46.63
CA ASN A 28 26.81 12.89 47.02
C ASN A 28 26.04 14.15 46.64
N TYR A 29 25.50 14.17 45.42
CA TYR A 29 24.66 15.28 45.00
C TYR A 29 23.43 15.39 45.89
N VAL A 30 22.89 14.25 46.29
CA VAL A 30 21.80 14.19 47.25
C VAL A 30 22.23 14.83 48.58
N TYR A 31 23.42 14.46 49.02
CA TYR A 31 23.98 14.94 50.29
C TYR A 31 24.10 16.46 50.30
N GLU A 32 24.70 17.02 49.25
CA GLU A 32 24.90 18.46 49.18
C GLU A 32 23.63 19.25 48.87
N HIS A 33 22.71 18.65 48.11
CA HIS A 33 21.47 19.33 47.78
C HIS A 33 20.48 19.30 48.95
N THR A 34 20.66 18.35 49.86
CA THR A 34 19.77 18.22 51.02
C THR A 34 19.77 19.46 51.90
N LEU A 35 20.92 20.13 52.02
CA LEU A 35 21.03 21.31 52.86
C LEU A 35 20.88 22.60 52.04
N THR A 36 21.25 22.53 50.77
CA THR A 36 21.22 23.71 49.91
C THR A 36 19.89 23.90 49.19
N GLY A 37 19.97 24.18 47.88
CA GLY A 37 18.80 24.47 47.07
C GLY A 37 17.63 23.50 47.14
N LYS A 38 17.93 22.24 47.42
CA LYS A 38 16.91 21.19 47.56
C LYS A 38 16.19 20.91 46.22
N ASN A 39 16.81 21.34 45.13
CA ASN A 39 16.23 21.13 43.80
C ASN A 39 16.56 19.77 43.22
N ALA A 40 15.79 19.35 42.23
CA ALA A 40 16.03 18.08 41.54
C ALA A 40 17.35 18.11 40.76
N PHE A 41 17.81 16.94 40.32
CA PHE A 41 19.09 16.88 39.61
C PHE A 41 19.05 15.95 38.40
N PHE A 42 19.66 16.38 37.30
CA PHE A 42 19.77 15.55 36.10
C PHE A 42 21.19 15.06 35.87
N VAL A 43 21.31 13.79 35.54
CA VAL A 43 22.60 13.18 35.22
C VAL A 43 22.54 12.52 33.85
N GLY A 44 23.49 12.88 32.98
CA GLY A 44 23.50 12.37 31.62
C GLY A 44 24.79 11.69 31.23
N ASP A 45 24.67 10.49 30.67
CA ASP A 45 25.81 9.73 30.22
C ASP A 45 26.07 9.95 28.74
N LEU A 46 27.14 10.70 28.44
CA LEU A 46 27.54 10.99 27.08
C LEU A 46 28.29 9.77 26.53
N GLY A 47 28.83 8.98 27.44
CA GLY A 47 29.57 7.78 27.11
C GLY A 47 28.66 6.76 26.46
N LYS A 48 27.39 6.76 26.84
CA LYS A 48 26.42 5.86 26.25
C LYS A 48 25.96 6.39 24.89
N ILE A 49 26.07 7.70 24.71
CA ILE A 49 25.78 8.29 23.41
C ILE A 49 26.87 7.91 22.42
N VAL A 50 28.12 8.06 22.84
CA VAL A 50 29.26 7.64 22.04
C VAL A 50 29.22 6.13 21.76
N LYS A 51 28.85 5.36 22.79
CA LYS A 51 28.70 3.92 22.64
C LYS A 51 27.61 3.57 21.64
N LYS A 52 26.58 4.41 21.56
CA LYS A 52 25.50 4.22 20.61
C LYS A 52 25.90 4.67 19.21
N HIS A 53 26.88 5.58 19.14
CA HIS A 53 27.43 5.98 17.85
C HIS A 53 28.30 4.86 17.31
N SER A 54 29.06 4.21 18.19
CA SER A 54 29.89 3.08 17.81
C SER A 54 29.00 1.89 17.47
N GLN A 55 27.87 1.80 18.14
CA GLN A 55 26.88 0.78 17.85
C GLN A 55 26.26 1.00 16.48
N TRP A 56 25.96 2.27 16.19
CA TRP A 56 25.42 2.66 14.89
C TRP A 56 26.41 2.33 13.77
N GLN A 57 27.67 2.70 13.96
CA GLN A 57 28.71 2.43 12.98
C GLN A 57 28.95 0.93 12.84
N ASN A 58 28.72 0.19 13.92
CA ASN A 58 28.86 -1.25 13.91
C ASN A 58 27.77 -1.86 13.04
N VAL A 59 26.53 -1.49 13.32
CA VAL A 59 25.39 -2.02 12.60
C VAL A 59 25.31 -1.54 11.14
N VAL A 60 25.25 -0.22 10.95
CA VAL A 60 25.18 0.38 9.61
C VAL A 60 25.90 1.72 9.58
N ALA A 61 27.01 1.79 8.84
CA ALA A 61 27.83 3.00 8.86
C ALA A 61 27.54 3.95 7.70
N GLN A 62 26.85 3.45 6.68
CA GLN A 62 26.58 4.26 5.49
C GLN A 62 25.32 5.13 5.62
N ILE A 63 24.89 5.35 6.86
CA ILE A 63 23.76 6.24 7.13
C ILE A 63 24.15 7.33 8.12
N LYS A 64 23.94 8.58 7.71
CA LYS A 64 24.26 9.73 8.55
C LYS A 64 23.09 10.13 9.42
N PRO A 65 23.25 10.02 10.75
CA PRO A 65 22.23 10.35 11.74
C PRO A 65 22.10 11.86 11.91
N PHE A 66 20.86 12.35 11.99
CA PHE A 66 20.64 13.78 12.21
C PHE A 66 19.76 14.01 13.44
N TYR A 67 20.38 14.29 14.57
CA TYR A 67 19.70 14.29 15.87
C TYR A 67 18.57 15.32 16.00
N THR A 68 17.37 14.84 16.32
CA THR A 68 16.23 15.70 16.60
C THR A 68 16.40 16.48 17.90
N VAL A 69 16.55 17.79 17.80
CA VAL A 69 16.88 18.62 18.95
C VAL A 69 15.77 18.70 20.01
N LYS A 70 14.52 18.52 19.60
CA LYS A 70 13.38 18.63 20.52
C LYS A 70 13.41 17.62 21.65
N CYS A 71 14.12 16.52 21.43
CA CYS A 71 14.33 15.50 22.45
C CYS A 71 15.23 16.04 23.56
N ASN A 72 16.33 16.66 23.18
CA ASN A 72 17.24 17.31 24.12
C ASN A 72 18.02 18.43 23.45
N SER A 73 17.81 19.64 23.94
CA SER A 73 18.43 20.82 23.34
C SER A 73 19.47 21.49 24.23
N ALA A 74 20.00 20.75 25.19
CA ALA A 74 21.05 21.27 26.05
C ALA A 74 22.30 21.51 25.23
N PRO A 75 23.00 22.62 25.48
CA PRO A 75 24.20 23.01 24.72
C PRO A 75 25.29 21.93 24.72
N ALA A 76 25.41 21.21 25.83
CA ALA A 76 26.42 20.17 25.97
C ALA A 76 26.23 19.03 24.99
N VAL A 77 25.04 18.44 25.02
CA VAL A 77 24.71 17.33 24.14
C VAL A 77 24.88 17.73 22.67
N LEU A 78 24.40 18.91 22.30
CA LEU A 78 24.56 19.41 20.94
C LEU A 78 26.03 19.58 20.57
N GLU A 79 26.83 20.00 21.54
CA GLU A 79 28.26 20.21 21.32
C GLU A 79 28.98 18.89 21.06
N ILE A 80 28.76 17.91 21.93
CA ILE A 80 29.40 16.60 21.75
C ILE A 80 28.88 15.87 20.50
N LEU A 81 27.63 16.12 20.10
CA LEU A 81 27.07 15.47 18.92
C LEU A 81 27.66 16.11 17.67
N ALA A 82 27.85 17.42 17.70
CA ALA A 82 28.51 18.11 16.60
C ALA A 82 29.97 17.66 16.54
N ALA A 83 30.52 17.35 17.71
CA ALA A 83 31.89 16.85 17.81
C ALA A 83 32.00 15.45 17.20
N LEU A 84 30.93 14.67 17.33
CA LEU A 84 30.92 13.30 16.80
C LEU A 84 30.74 13.28 15.29
N GLY A 85 30.31 14.40 14.72
CA GLY A 85 30.09 14.50 13.30
C GLY A 85 28.65 14.20 12.94
N THR A 86 27.84 13.95 13.96
CA THR A 86 26.43 13.63 13.78
C THR A 86 25.67 14.90 13.37
N GLY A 87 24.75 14.74 12.41
CA GLY A 87 24.00 15.87 11.89
C GLY A 87 22.90 16.35 12.83
N PHE A 88 22.14 17.34 12.38
CA PHE A 88 21.12 17.95 13.22
C PHE A 88 19.77 18.08 12.52
N ALA A 89 18.73 17.51 13.13
CA ALA A 89 17.36 17.69 12.68
C ALA A 89 16.68 18.81 13.45
N CYS A 90 16.22 19.83 12.72
CA CYS A 90 15.70 21.03 13.36
C CYS A 90 14.17 21.07 13.34
N SER A 91 13.61 21.74 14.33
CA SER A 91 12.16 21.82 14.49
C SER A 91 11.70 23.24 14.88
N SER A 92 12.68 24.13 15.03
CA SER A 92 12.40 25.53 15.36
C SER A 92 13.54 26.43 14.90
N LYS A 93 13.27 27.72 14.80
CA LYS A 93 14.25 28.67 14.30
C LYS A 93 15.26 29.03 15.38
N ASN A 94 14.85 29.00 16.64
CA ASN A 94 15.77 29.21 17.75
C ASN A 94 16.78 28.09 17.79
N GLU A 95 16.30 26.87 17.50
CA GLU A 95 17.16 25.70 17.40
C GLU A 95 18.20 25.91 16.30
N MET A 96 17.74 26.32 15.13
CA MET A 96 18.63 26.57 14.00
C MET A 96 19.63 27.68 14.32
N ALA A 97 19.18 28.64 15.13
CA ALA A 97 20.02 29.74 15.56
C ALA A 97 21.14 29.25 16.47
N LEU A 98 20.81 28.37 17.40
CA LEU A 98 21.80 27.83 18.32
C LEU A 98 22.78 26.92 17.58
N VAL A 99 22.25 26.08 16.70
CA VAL A 99 23.09 25.17 15.93
C VAL A 99 24.04 25.92 15.00
N GLN A 100 23.53 26.93 14.31
CA GLN A 100 24.38 27.76 13.45
C GLN A 100 25.39 28.56 14.27
N GLU A 101 24.98 28.97 15.48
CA GLU A 101 25.88 29.71 16.36
C GLU A 101 27.01 28.84 16.87
N LEU A 102 26.74 27.53 17.00
CA LEU A 102 27.75 26.60 17.49
C LEU A 102 28.92 26.48 16.52
N GLY A 103 28.62 26.54 15.22
CA GLY A 103 29.63 26.45 14.19
C GLY A 103 29.42 25.23 13.31
N VAL A 104 28.16 24.79 13.20
CA VAL A 104 27.83 23.63 12.40
C VAL A 104 27.67 24.02 10.93
N PRO A 105 28.15 23.18 10.01
CA PRO A 105 27.95 23.42 8.58
C PRO A 105 26.49 23.22 8.17
N PRO A 106 25.99 24.08 7.27
CA PRO A 106 24.59 24.03 6.81
C PRO A 106 24.30 22.81 5.95
N GLU A 107 25.34 22.13 5.48
CA GLU A 107 25.17 20.94 4.65
C GLU A 107 24.73 19.75 5.49
N ASN A 108 24.83 19.88 6.81
CA ASN A 108 24.44 18.81 7.72
C ASN A 108 23.33 19.28 8.65
N ILE A 109 22.41 20.07 8.11
CA ILE A 109 21.28 20.59 8.87
C ILE A 109 19.98 20.34 8.14
N ILE A 110 18.97 19.84 8.85
CA ILE A 110 17.65 19.58 8.28
C ILE A 110 16.53 20.05 9.20
N TYR A 111 15.52 20.68 8.63
CA TYR A 111 14.35 21.13 9.39
C TYR A 111 13.26 20.08 9.26
N ILE A 112 12.52 19.84 10.34
CA ILE A 112 11.64 18.67 10.38
C ILE A 112 10.17 18.99 10.67
N SER A 113 9.91 20.14 11.29
CA SER A 113 8.55 20.51 11.71
C SER A 113 7.51 20.25 10.62
N PRO A 114 6.42 19.56 10.99
CA PRO A 114 5.39 19.21 10.00
C PRO A 114 4.61 20.42 9.52
N CYS A 115 4.70 21.53 10.23
CA CYS A 115 4.01 22.74 9.81
C CYS A 115 4.93 23.96 9.82
N LYS A 116 5.35 24.38 8.64
CA LYS A 116 6.28 25.49 8.51
C LYS A 116 5.59 26.84 8.46
N GLN A 117 6.31 27.86 8.89
CA GLN A 117 5.85 29.23 8.78
C GLN A 117 6.73 30.06 7.85
N VAL A 118 6.16 31.15 7.33
CA VAL A 118 6.84 32.03 6.40
C VAL A 118 8.11 32.66 6.96
N SER A 119 8.07 33.09 8.21
CA SER A 119 9.24 33.72 8.82
C SER A 119 10.34 32.68 9.01
N GLN A 120 9.94 31.47 9.40
CA GLN A 120 10.87 30.37 9.60
C GLN A 120 11.58 29.98 8.31
N ILE A 121 10.84 29.93 7.19
CA ILE A 121 11.45 29.55 5.92
C ILE A 121 12.24 30.70 5.28
N LYS A 122 11.84 31.94 5.57
CA LYS A 122 12.66 33.08 5.17
C LYS A 122 13.99 33.04 5.90
N TYR A 123 13.94 32.69 7.18
CA TYR A 123 15.15 32.54 7.98
C TYR A 123 16.01 31.38 7.46
N ALA A 124 15.36 30.26 7.13
CA ALA A 124 16.04 29.11 6.57
C ALA A 124 16.73 29.46 5.26
N ALA A 125 16.08 30.31 4.48
CA ALA A 125 16.63 30.80 3.22
C ALA A 125 17.82 31.72 3.46
N LYS A 126 17.71 32.57 4.49
CA LYS A 126 18.76 33.53 4.81
C LYS A 126 19.99 32.84 5.39
N VAL A 127 19.79 31.70 6.03
CA VAL A 127 20.89 31.00 6.69
C VAL A 127 21.60 30.03 5.75
N GLY A 128 21.02 29.81 4.57
CA GLY A 128 21.66 28.99 3.56
C GLY A 128 21.37 27.50 3.63
N VAL A 129 20.36 27.11 4.38
CA VAL A 129 19.97 25.69 4.44
C VAL A 129 18.94 25.34 3.36
N ASN A 130 19.33 24.43 2.46
CA ASN A 130 18.47 24.10 1.33
C ASN A 130 17.71 22.78 1.45
N ILE A 131 18.19 21.87 2.29
CA ILE A 131 17.51 20.58 2.43
C ILE A 131 16.40 20.66 3.46
N LEU A 132 15.16 20.45 3.04
CA LEU A 132 14.01 20.49 3.93
C LEU A 132 12.94 19.50 3.46
N THR A 133 12.07 19.07 4.37
CA THR A 133 10.99 18.13 4.02
C THR A 133 9.66 18.84 3.81
N CYS A 134 8.70 18.13 3.21
CA CYS A 134 7.37 18.69 2.95
C CYS A 134 6.30 17.61 2.83
N ASP A 135 5.10 17.89 3.34
CA ASP A 135 4.03 16.89 3.36
C ASP A 135 2.68 17.38 2.82
N ASN A 136 2.67 18.54 2.16
CA ASN A 136 1.45 19.06 1.54
C ASN A 136 1.69 20.11 0.46
N GLU A 137 0.64 20.46 -0.26
CA GLU A 137 0.72 21.35 -1.41
C GLU A 137 0.95 22.81 -1.02
N ILE A 138 0.41 23.19 0.14
CA ILE A 138 0.51 24.55 0.63
C ILE A 138 1.95 24.91 0.99
N GLU A 139 2.60 24.04 1.77
CA GLU A 139 3.99 24.25 2.14
C GLU A 139 4.90 24.25 0.91
N LEU A 140 4.57 23.44 -0.09
CA LEU A 140 5.30 23.44 -1.34
C LEU A 140 5.11 24.80 -2.03
N LYS A 141 3.89 25.32 -1.96
CA LYS A 141 3.56 26.60 -2.57
C LYS A 141 4.37 27.73 -1.95
N LYS A 142 4.44 27.76 -0.62
CA LYS A 142 5.23 28.78 0.06
C LYS A 142 6.74 28.58 -0.12
N ILE A 143 7.16 27.31 -0.26
CA ILE A 143 8.56 26.98 -0.54
C ILE A 143 8.96 27.62 -1.86
N ALA A 144 8.14 27.38 -2.88
CA ALA A 144 8.40 27.95 -4.20
C ALA A 144 8.27 29.47 -4.16
N ARG A 145 7.36 29.96 -3.33
CA ARG A 145 7.12 31.39 -3.22
C ARG A 145 8.30 32.17 -2.62
N ASN A 146 8.97 31.59 -1.63
CA ASN A 146 10.03 32.34 -0.96
C ASN A 146 11.46 31.85 -1.20
N HIS A 147 11.64 30.54 -1.41
CA HIS A 147 12.97 29.99 -1.59
C HIS A 147 13.02 29.08 -2.82
N PRO A 148 13.34 29.66 -3.99
CA PRO A 148 13.34 28.97 -5.29
C PRO A 148 14.45 27.93 -5.42
N ASN A 149 15.48 28.02 -4.58
CA ASN A 149 16.60 27.09 -4.66
C ASN A 149 16.63 26.07 -3.53
N ALA A 150 15.46 25.81 -2.95
CA ALA A 150 15.34 24.86 -1.85
C ALA A 150 15.38 23.42 -2.35
N LYS A 151 15.98 22.53 -1.57
CA LYS A 151 16.00 21.11 -1.89
C LYS A 151 14.92 20.36 -1.11
N VAL A 152 14.04 19.68 -1.83
CA VAL A 152 12.82 19.13 -1.24
C VAL A 152 12.87 17.61 -1.02
N LEU A 153 12.53 17.21 0.20
CA LEU A 153 12.32 15.81 0.57
C LEU A 153 10.83 15.57 0.73
N LEU A 154 10.31 14.57 0.02
CA LEU A 154 8.89 14.25 0.07
C LEU A 154 8.54 13.39 1.27
N HIS A 155 7.57 13.85 2.05
CA HIS A 155 7.15 13.16 3.26
C HIS A 155 5.93 12.27 2.99
N ILE A 156 6.11 10.97 3.21
CA ILE A 156 5.06 9.99 2.97
C ILE A 156 4.49 9.43 4.27
N ALA A 157 3.34 8.79 4.17
CA ALA A 157 2.64 8.24 5.32
C ALA A 157 3.05 6.78 5.55
N THR A 158 2.77 6.28 6.74
CA THR A 158 3.06 4.90 7.08
C THR A 158 1.82 4.17 7.60
N GLU A 159 1.79 2.85 7.37
CA GLU A 159 0.66 2.02 7.76
C GLU A 159 0.85 1.44 9.16
N ASP A 160 0.51 2.24 10.17
CA ASP A 160 0.65 1.83 11.55
C ASP A 160 -0.71 1.51 12.18
N MET A 169 -3.23 12.63 14.79
CA MET A 169 -3.87 11.38 14.38
C MET A 169 -3.39 10.96 12.99
N LYS A 170 -2.92 11.93 12.21
CA LYS A 170 -2.48 11.66 10.85
C LYS A 170 -1.41 12.65 10.40
N PHE A 171 -0.54 12.19 9.50
CA PHE A 171 0.51 13.01 8.91
C PHE A 171 1.05 12.29 7.69
N GLY A 172 1.60 13.03 6.74
CA GLY A 172 2.22 12.42 5.57
C GLY A 172 1.40 12.70 4.32
N THR A 173 1.86 12.20 3.18
CA THR A 173 1.18 12.45 1.92
C THR A 173 0.93 11.17 1.14
N THR A 174 -0.27 11.04 0.59
CA THR A 174 -0.66 9.89 -0.20
C THR A 174 0.07 9.85 -1.54
N LEU A 175 0.17 8.67 -2.12
CA LEU A 175 0.92 8.44 -3.36
C LEU A 175 0.41 9.33 -4.51
N LYS A 176 -0.91 9.43 -4.64
CA LYS A 176 -1.52 10.28 -5.65
C LYS A 176 -1.17 11.75 -5.41
N ASN A 177 -1.34 12.18 -4.16
CA ASN A 177 -1.01 13.54 -3.79
C ASN A 177 0.50 13.77 -3.83
N CYS A 178 1.28 12.69 -3.74
CA CYS A 178 2.72 12.79 -3.93
C CYS A 178 3.03 13.06 -5.40
N ARG A 179 2.29 12.39 -6.28
CA ARG A 179 2.40 12.62 -7.71
C ARG A 179 2.06 14.06 -8.03
N HIS A 180 0.96 14.53 -7.47
CA HIS A 180 0.54 15.93 -7.65
C HIS A 180 1.61 16.88 -7.10
N LEU A 181 2.22 16.49 -5.98
CA LEU A 181 3.26 17.30 -5.36
C LEU A 181 4.49 17.43 -6.25
N LEU A 182 4.96 16.32 -6.82
CA LEU A 182 6.12 16.35 -7.69
C LEU A 182 5.81 17.07 -9.01
N GLU A 183 4.57 16.94 -9.48
CA GLU A 183 4.14 17.68 -10.67
C GLU A 183 4.18 19.19 -10.45
N CYS A 184 3.56 19.63 -9.35
CA CYS A 184 3.54 21.04 -8.99
C CYS A 184 4.96 21.57 -8.75
N ALA A 185 5.78 20.75 -8.10
CA ALA A 185 7.16 21.09 -7.82
C ALA A 185 7.94 21.26 -9.11
N LYS A 186 7.64 20.41 -10.10
CA LYS A 186 8.24 20.52 -11.41
C LYS A 186 7.81 21.83 -12.06
N GLU A 187 6.53 22.15 -11.92
CA GLU A 187 6.00 23.40 -12.46
C GLU A 187 6.61 24.60 -11.73
N LEU A 188 6.79 24.46 -10.42
CA LEU A 188 7.31 25.54 -9.58
C LEU A 188 8.84 25.56 -9.55
N ASP A 189 9.46 24.80 -10.46
CA ASP A 189 10.91 24.75 -10.67
C ASP A 189 11.76 24.53 -9.41
N VAL A 190 11.23 23.79 -8.44
CA VAL A 190 11.99 23.46 -7.24
C VAL A 190 12.52 22.03 -7.32
N GLN A 191 13.76 21.84 -6.87
CA GLN A 191 14.45 20.56 -7.00
C GLN A 191 14.12 19.58 -5.88
N ILE A 192 13.53 18.44 -6.24
CA ILE A 192 13.28 17.36 -5.30
C ILE A 192 14.44 16.38 -5.32
N ILE A 193 14.91 15.97 -4.14
CA ILE A 193 16.12 15.16 -4.05
C ILE A 193 15.90 13.80 -3.37
N GLY A 194 14.90 13.71 -2.50
CA GLY A 194 14.66 12.47 -1.79
C GLY A 194 13.28 12.32 -1.17
N VAL A 195 13.13 11.29 -0.36
CA VAL A 195 11.84 10.95 0.24
C VAL A 195 12.00 10.83 1.76
N LYS A 196 10.99 11.28 2.49
CA LYS A 196 11.06 11.33 3.95
C LYS A 196 9.90 10.57 4.59
N PHE A 197 10.20 9.88 5.69
CA PHE A 197 9.17 9.21 6.48
C PHE A 197 9.64 8.94 7.90
N HIS A 198 8.74 8.38 8.72
CA HIS A 198 9.06 8.06 10.10
C HIS A 198 8.42 6.74 10.48
N VAL A 199 9.22 5.84 11.06
CA VAL A 199 8.71 4.57 11.57
C VAL A 199 8.94 4.48 13.07
N SER A 200 7.85 4.60 13.84
CA SER A 200 7.93 4.68 15.30
C SER A 200 8.72 3.54 15.95
N SER A 201 9.27 3.84 17.12
CA SER A 201 10.05 2.90 17.91
C SER A 201 9.17 1.75 18.41
N ALA A 202 7.93 2.07 18.75
CA ALA A 202 7.00 1.11 19.33
C ALA A 202 6.62 0.00 18.34
N CYS A 203 6.57 0.33 17.06
CA CYS A 203 6.16 -0.62 16.04
C CYS A 203 7.15 -1.78 15.91
N LYS A 204 6.61 -2.99 15.81
CA LYS A 204 7.41 -4.22 15.68
C LYS A 204 7.00 -4.97 14.42
N GLU A 205 5.94 -4.50 13.78
CA GLU A 205 5.44 -5.06 12.53
C GLU A 205 6.38 -4.76 11.37
N SER A 206 7.27 -5.72 11.08
CA SER A 206 8.34 -5.56 10.10
C SER A 206 7.81 -5.17 8.71
N GLN A 207 6.91 -5.97 8.16
CA GLN A 207 6.38 -5.79 6.80
C GLN A 207 6.02 -4.33 6.48
N VAL A 208 5.57 -3.60 7.50
CA VAL A 208 5.20 -2.19 7.39
C VAL A 208 6.29 -1.40 6.67
N TYR A 209 7.54 -1.59 7.12
CA TYR A 209 8.68 -0.88 6.55
C TYR A 209 8.73 -1.06 5.04
N VAL A 210 8.48 -2.28 4.60
CA VAL A 210 8.45 -2.61 3.18
C VAL A 210 7.49 -1.68 2.46
N HIS A 211 6.26 -1.60 2.97
CA HIS A 211 5.26 -0.71 2.40
C HIS A 211 5.85 0.69 2.23
N ALA A 212 6.42 1.21 3.31
CA ALA A 212 7.00 2.54 3.28
C ALA A 212 8.02 2.64 2.17
N LEU A 213 8.94 1.67 2.14
CA LEU A 213 10.00 1.67 1.15
C LEU A 213 9.44 1.54 -0.26
N SER A 214 8.35 0.78 -0.40
CA SER A 214 7.70 0.64 -1.69
C SER A 214 7.22 1.99 -2.16
N ASP A 215 6.62 2.75 -1.25
CA ASP A 215 6.17 4.08 -1.58
C ASP A 215 7.36 4.91 -2.07
N ALA A 216 8.50 4.81 -1.38
CA ALA A 216 9.66 5.57 -1.82
C ALA A 216 10.05 5.14 -3.24
N ARG A 217 9.96 3.83 -3.51
CA ARG A 217 10.30 3.33 -4.82
C ARG A 217 9.42 3.98 -5.87
N CYS A 218 8.15 4.18 -5.51
CA CYS A 218 7.20 4.87 -6.36
C CYS A 218 7.77 6.21 -6.77
N VAL A 219 8.19 7.00 -5.79
CA VAL A 219 8.76 8.29 -6.10
C VAL A 219 10.02 8.13 -6.94
N PHE A 220 10.83 7.13 -6.60
CA PHE A 220 12.07 6.85 -7.33
C PHE A 220 11.76 6.67 -8.81
N ASP A 221 10.57 6.16 -9.10
CA ASP A 221 10.12 6.05 -10.47
C ASP A 221 9.56 7.38 -10.97
N MET A 222 8.59 7.93 -10.24
CA MET A 222 7.83 9.05 -10.78
C MET A 222 8.69 10.29 -11.01
N ALA A 223 9.45 10.66 -9.99
CA ALA A 223 10.39 11.76 -10.12
C ALA A 223 11.44 11.41 -11.17
N GLY A 224 11.84 10.14 -11.19
CA GLY A 224 12.77 9.68 -12.19
C GLY A 224 12.21 9.85 -13.58
N GLU A 225 10.89 9.75 -13.70
CA GLU A 225 10.26 9.95 -15.00
C GLU A 225 10.15 11.44 -15.34
N ILE A 226 10.07 12.29 -14.32
CA ILE A 226 9.93 13.72 -14.57
C ILE A 226 11.27 14.43 -14.85
N GLY A 227 12.37 13.78 -14.47
CA GLY A 227 13.69 14.30 -14.82
C GLY A 227 14.49 14.93 -13.67
N PHE A 228 14.16 14.56 -12.44
CA PHE A 228 14.89 15.07 -11.28
C PHE A 228 15.86 14.04 -10.66
N THR A 229 16.92 14.57 -10.07
CA THR A 229 18.01 13.77 -9.49
C THR A 229 17.77 13.37 -8.03
N MET A 230 17.82 12.06 -7.78
CA MET A 230 17.63 11.51 -6.44
C MET A 230 18.95 10.98 -5.88
N ASN A 231 19.29 11.39 -4.66
CA ASN A 231 20.54 10.95 -4.04
C ASN A 231 20.50 10.77 -2.53
N MET A 232 19.33 10.93 -1.92
CA MET A 232 19.22 10.84 -0.46
C MET A 232 17.95 10.17 0.04
N LEU A 233 18.09 9.28 1.01
CA LEU A 233 16.94 8.62 1.62
C LEU A 233 16.94 8.83 3.14
N ASP A 234 15.85 9.39 3.66
CA ASP A 234 15.70 9.55 5.10
C ASP A 234 14.77 8.47 5.63
N ILE A 235 15.20 7.80 6.70
CA ILE A 235 14.46 6.63 7.20
C ILE A 235 13.76 6.89 8.53
N GLY A 236 13.94 8.09 9.09
CA GLY A 236 13.27 8.47 10.31
C GLY A 236 14.13 8.35 11.56
N GLY A 237 13.48 8.39 12.72
CA GLY A 237 14.19 8.33 13.98
C GLY A 237 13.55 7.42 15.02
N GLY A 238 12.84 6.41 14.56
CA GLY A 238 12.17 5.49 15.46
C GLY A 238 13.08 4.43 16.05
N PHE A 239 13.87 4.82 17.03
CA PHE A 239 14.74 3.90 17.73
C PHE A 239 14.60 4.02 19.25
N THR A 240 14.54 2.88 19.92
CA THR A 240 14.38 2.84 21.36
C THR A 240 15.70 3.15 22.07
N GLY A 241 16.78 2.55 21.57
CA GLY A 241 18.10 2.73 22.17
C GLY A 241 18.79 1.42 22.48
N THR A 242 18.01 0.37 22.67
CA THR A 242 18.57 -0.95 22.97
C THR A 242 19.18 -1.57 21.71
N GLU A 243 20.06 -2.54 21.92
CA GLU A 243 20.79 -3.18 20.82
C GLU A 243 19.94 -4.06 19.91
N PHE A 244 19.08 -4.89 20.51
CA PHE A 244 18.29 -5.85 19.74
C PHE A 244 17.31 -5.16 18.80
N GLN A 245 16.83 -3.98 19.19
CA GLN A 245 15.92 -3.20 18.37
C GLN A 245 16.60 -2.82 17.06
N LEU A 246 17.76 -2.17 17.15
CA LEU A 246 18.53 -1.77 15.98
C LEU A 246 19.00 -2.99 15.20
N GLU A 247 19.20 -4.11 15.91
CA GLU A 247 19.62 -5.36 15.29
C GLU A 247 18.53 -5.94 14.40
N GLU A 248 17.28 -5.84 14.86
CA GLU A 248 16.15 -6.28 14.07
C GLU A 248 15.94 -5.30 12.92
N VAL A 249 16.14 -4.02 13.22
CA VAL A 249 16.05 -2.97 12.21
C VAL A 249 16.98 -3.27 11.03
N ASN A 250 18.23 -3.61 11.31
CA ASN A 250 19.15 -3.98 10.23
C ASN A 250 18.80 -5.33 9.61
N HIS A 251 18.28 -6.23 10.43
CA HIS A 251 17.87 -7.55 9.97
C HIS A 251 16.75 -7.47 8.94
N VAL A 252 15.98 -6.38 8.98
CA VAL A 252 14.93 -6.17 7.99
C VAL A 252 15.37 -5.25 6.85
N ILE A 253 16.07 -4.18 7.19
CA ILE A 253 16.43 -3.16 6.20
C ILE A 253 17.62 -3.53 5.31
N SER A 254 18.64 -4.15 5.88
CA SER A 254 19.85 -4.48 5.12
C SER A 254 19.73 -5.39 3.89
N PRO A 255 18.95 -6.49 3.98
CA PRO A 255 18.83 -7.25 2.73
C PRO A 255 18.16 -6.51 1.58
N LEU A 256 17.21 -5.64 1.89
CA LEU A 256 16.46 -4.92 0.85
C LEU A 256 17.14 -3.64 0.35
N LEU A 257 17.92 -3.00 1.22
CA LEU A 257 18.55 -1.72 0.87
C LEU A 257 19.75 -1.82 -0.09
N ASP A 258 20.60 -2.82 0.10
CA ASP A 258 21.83 -2.92 -0.68
C ASP A 258 21.57 -3.25 -2.15
N ILE A 259 20.41 -3.84 -2.43
CA ILE A 259 20.06 -4.24 -3.79
C ILE A 259 19.32 -3.16 -4.58
N TYR A 260 18.68 -2.23 -3.88
CA TYR A 260 17.93 -1.19 -4.57
C TYR A 260 18.71 0.12 -4.58
N PHE A 261 19.62 0.27 -3.62
CA PHE A 261 20.53 1.41 -3.64
C PHE A 261 21.86 0.98 -3.00
N PRO A 262 22.74 0.39 -3.83
CA PRO A 262 24.09 -0.07 -3.44
C PRO A 262 25.09 1.07 -3.37
N GLU A 263 26.20 0.87 -2.66
CA GLU A 263 27.23 1.88 -2.58
C GLU A 263 27.83 2.13 -3.97
N GLY A 264 27.81 3.39 -4.40
CA GLY A 264 28.32 3.77 -5.70
C GLY A 264 27.21 4.14 -6.66
N SER A 265 25.97 4.02 -6.19
CA SER A 265 24.80 4.37 -7.01
C SER A 265 24.50 5.85 -6.82
N GLY A 266 25.28 6.49 -5.96
CA GLY A 266 25.11 7.91 -5.68
C GLY A 266 24.06 8.07 -4.60
N VAL A 267 23.99 7.09 -3.70
CA VAL A 267 23.03 7.12 -2.61
C VAL A 267 23.66 7.57 -1.29
N LYS A 268 23.02 8.54 -0.65
CA LYS A 268 23.40 9.00 0.68
C LYS A 268 22.25 8.85 1.68
N ILE A 269 22.27 7.76 2.45
CA ILE A 269 21.17 7.48 3.36
C ILE A 269 21.29 8.27 4.67
N ILE A 270 20.16 8.79 5.14
CA ILE A 270 20.11 9.66 6.30
C ILE A 270 19.12 9.13 7.34
N SER A 271 19.46 9.27 8.62
CA SER A 271 18.54 8.90 9.69
C SER A 271 18.44 10.06 10.67
N GLU A 272 17.41 10.06 11.51
CA GLU A 272 17.23 11.16 12.46
C GLU A 272 16.89 10.71 13.87
N PRO A 273 17.84 10.04 14.55
CA PRO A 273 17.62 9.53 15.91
C PRO A 273 17.41 10.64 16.92
N GLY A 274 16.45 10.46 17.83
CA GLY A 274 16.16 11.46 18.84
C GLY A 274 16.15 10.85 20.23
N SER A 275 15.13 10.03 20.49
CA SER A 275 15.02 9.30 21.74
C SER A 275 16.18 8.32 21.92
N TYR A 276 16.64 7.79 20.79
CA TYR A 276 17.68 6.77 20.73
C TYR A 276 18.92 7.06 21.59
N TYR A 277 19.50 8.23 21.40
CA TYR A 277 20.78 8.55 22.03
C TYR A 277 20.69 8.96 23.51
N VAL A 278 19.56 9.54 23.90
CA VAL A 278 19.48 10.20 25.21
C VAL A 278 18.45 9.64 26.19
N SER A 279 17.41 8.99 25.69
CA SER A 279 16.29 8.54 26.54
C SER A 279 16.72 7.76 27.79
N SER A 280 17.43 6.66 27.59
CA SER A 280 17.88 5.85 28.73
C SER A 280 19.23 6.32 29.24
N ALA A 281 19.73 7.39 28.63
CA ALA A 281 21.03 7.95 28.97
C ALA A 281 20.95 8.90 30.17
N PHE A 282 19.75 9.35 30.50
CA PHE A 282 19.57 10.32 31.57
C PHE A 282 18.84 9.77 32.80
N THR A 283 19.22 10.26 33.97
CA THR A 283 18.64 9.85 35.23
C THR A 283 18.27 11.08 36.07
N LEU A 284 17.07 11.07 36.64
CA LEU A 284 16.56 12.20 37.41
C LEU A 284 16.44 11.89 38.90
N ALA A 285 16.99 12.77 39.73
CA ALA A 285 16.86 12.63 41.18
C ALA A 285 15.87 13.68 41.68
N VAL A 286 14.79 13.22 42.32
CA VAL A 286 13.70 14.09 42.73
C VAL A 286 13.51 14.11 44.26
N ASN A 287 12.94 15.20 44.77
CA ASN A 287 12.64 15.34 46.19
C ASN A 287 11.15 15.36 46.51
N ILE A 288 10.81 14.88 47.70
CA ILE A 288 9.42 14.86 48.16
C ILE A 288 9.12 16.08 49.02
N ILE A 289 7.96 16.71 48.80
CA ILE A 289 7.61 17.88 49.59
C ILE A 289 6.31 17.70 50.37
N ALA A 290 5.46 16.77 49.94
CA ALA A 290 4.20 16.55 50.64
C ALA A 290 3.75 15.09 50.67
N LYS A 291 2.85 14.78 51.59
CA LYS A 291 2.36 13.42 51.78
C LYS A 291 0.95 13.46 52.37
N LYS A 292 0.09 12.55 51.91
CA LYS A 292 -1.28 12.48 52.37
C LYS A 292 -1.78 11.05 52.48
N VAL A 293 -2.46 10.74 53.58
CA VAL A 293 -2.98 9.39 53.81
C VAL A 293 -4.49 9.36 53.66
N VAL A 294 -4.97 8.54 52.72
CA VAL A 294 -6.40 8.40 52.49
C VAL A 294 -6.94 7.11 53.11
N ALA A 312 -3.64 2.88 51.09
CA ALA A 312 -3.35 3.75 49.95
C ALA A 312 -2.86 5.11 50.39
N PHE A 313 -1.89 5.66 49.67
CA PHE A 313 -1.34 6.98 49.99
C PHE A 313 -1.17 7.82 48.74
N MET A 314 -1.13 9.14 48.92
CA MET A 314 -0.85 10.04 47.80
C MET A 314 0.34 10.92 48.17
N TYR A 315 1.30 11.05 47.27
CA TYR A 315 2.52 11.79 47.61
C TYR A 315 2.85 12.89 46.60
N TYR A 316 3.28 14.05 47.11
CA TYR A 316 3.55 15.20 46.26
C TYR A 316 5.04 15.53 46.16
N MET A 317 5.54 15.62 44.93
CA MET A 317 6.93 15.99 44.68
C MET A 317 7.06 17.50 44.47
N ASN A 318 8.28 17.95 44.19
CA ASN A 318 8.54 19.35 43.90
C ASN A 318 8.58 19.60 42.39
N ASP A 319 8.23 18.56 41.62
CA ASP A 319 8.19 18.64 40.17
C ASP A 319 7.11 17.70 39.64
N GLY A 320 6.84 17.76 38.34
CA GLY A 320 5.80 16.92 37.77
C GLY A 320 5.66 16.98 36.25
N VAL A 321 4.45 16.70 35.78
CA VAL A 321 4.15 16.63 34.35
C VAL A 321 4.39 17.97 33.66
N TYR A 322 4.16 19.06 34.39
CA TYR A 322 4.30 20.40 33.85
C TYR A 322 5.75 20.80 33.58
N GLY A 323 6.67 19.85 33.75
CA GLY A 323 8.07 20.09 33.52
C GLY A 323 8.73 19.00 32.70
N SER A 324 9.48 18.12 33.35
CA SER A 324 10.26 17.10 32.66
C SER A 324 9.51 15.79 32.44
N PHE A 325 8.18 15.82 32.60
CA PHE A 325 7.39 14.60 32.50
C PHE A 325 6.25 14.71 31.48
N ALA A 326 6.54 15.32 30.34
CA ALA A 326 5.61 15.39 29.23
C ALA A 326 5.53 14.05 28.49
N SER A 327 6.61 13.29 28.58
CA SER A 327 6.73 12.01 27.86
C SER A 327 5.71 10.96 28.31
N LYS A 328 5.09 11.20 29.47
CA LYS A 328 4.07 10.30 29.98
C LYS A 328 2.83 10.32 29.08
N LEU A 329 2.64 11.44 28.39
CA LEU A 329 1.52 11.60 27.49
C LEU A 329 1.57 10.62 26.31
N SER A 330 2.79 10.24 25.93
CA SER A 330 2.98 9.29 24.84
C SER A 330 3.61 7.99 25.34
N THR A 335 11.71 4.74 33.56
CA THR A 335 10.26 4.74 33.56
C THR A 335 9.74 4.18 34.89
N ILE A 336 10.67 3.67 35.70
CA ILE A 336 10.32 3.12 37.01
C ILE A 336 11.15 3.76 38.12
N PRO A 337 10.49 4.13 39.23
CA PRO A 337 11.13 4.78 40.37
C PRO A 337 11.80 3.81 41.33
N GLU A 338 12.94 4.21 41.89
CA GLU A 338 13.64 3.43 42.90
C GLU A 338 13.95 4.28 44.13
N VAL A 339 13.91 3.62 45.29
CA VAL A 339 14.10 4.29 46.58
C VAL A 339 15.58 4.47 46.92
N HIS A 340 15.91 5.64 47.46
CA HIS A 340 17.28 5.95 47.83
C HIS A 340 17.68 5.25 49.12
N LYS A 341 16.85 5.41 50.16
CA LYS A 341 17.13 4.82 51.46
C LYS A 341 17.05 3.29 51.43
N LYS A 342 17.47 2.66 52.52
CA LYS A 342 17.44 1.21 52.61
C LYS A 342 16.02 0.70 52.88
N PRO A 348 7.73 -3.95 53.61
CA PRO A 348 6.46 -3.25 53.81
C PRO A 348 6.12 -2.35 52.62
N LEU A 349 5.36 -2.88 51.66
CA LEU A 349 5.00 -2.12 50.47
C LEU A 349 3.53 -1.73 50.47
N PHE A 350 3.25 -0.50 50.06
CA PHE A 350 1.90 0.02 49.97
C PHE A 350 1.63 0.59 48.59
N THR A 351 0.38 0.55 48.15
CA THR A 351 0.01 1.14 46.88
C THR A 351 -0.18 2.65 47.04
N SER A 352 0.27 3.42 46.06
CA SER A 352 0.18 4.88 46.17
C SER A 352 0.13 5.60 44.82
N SER A 353 -0.30 6.86 44.88
CA SER A 353 -0.39 7.71 43.70
C SER A 353 0.56 8.92 43.77
N LEU A 354 1.06 9.34 42.60
CA LEU A 354 2.06 10.40 42.51
C LEU A 354 1.45 11.69 42.00
N TRP A 355 1.72 12.78 42.71
CA TRP A 355 1.27 14.11 42.33
C TRP A 355 2.43 15.09 42.38
N GLY A 356 2.31 16.18 41.61
CA GLY A 356 3.34 17.20 41.58
C GLY A 356 3.07 18.33 42.57
N PRO A 357 3.77 19.46 42.40
CA PRO A 357 3.65 20.61 43.30
C PRO A 357 2.52 21.55 42.88
N SER A 358 1.96 21.33 41.69
CA SER A 358 0.88 22.16 41.18
C SER A 358 -0.43 21.81 41.87
N CYS A 359 -0.51 20.60 42.40
CA CYS A 359 -1.65 20.12 43.18
C CYS A 359 -2.96 20.02 42.40
N ASP A 360 -2.93 20.40 41.13
CA ASP A 360 -4.14 20.37 40.30
C ASP A 360 -4.45 18.95 39.83
N GLU A 361 -5.64 18.77 39.27
CA GLU A 361 -6.15 17.45 38.93
C GLU A 361 -5.37 16.78 37.79
N LEU A 362 -4.66 17.58 37.00
CA LEU A 362 -3.96 17.07 35.82
C LEU A 362 -2.54 16.58 36.08
N ASP A 363 -2.06 16.78 37.31
CA ASP A 363 -0.66 16.51 37.64
C ASP A 363 -0.40 15.07 38.08
N GLN A 364 -1.10 14.11 37.46
CA GLN A 364 -0.83 12.70 37.70
C GLN A 364 0.30 12.17 36.83
N ILE A 365 1.29 11.55 37.47
CA ILE A 365 2.45 11.03 36.76
C ILE A 365 2.36 9.50 36.65
N VAL A 366 2.17 8.83 37.78
CA VAL A 366 1.99 7.39 37.78
C VAL A 366 0.70 7.05 38.54
N GLU A 367 -0.16 6.25 37.90
CA GLU A 367 -1.47 5.93 38.44
C GLU A 367 -1.42 5.08 39.70
N SER A 368 -0.45 4.17 39.77
CA SER A 368 -0.32 3.28 40.92
C SER A 368 1.11 2.76 41.03
N CYS A 369 1.66 2.86 42.25
CA CYS A 369 3.00 2.34 42.50
C CYS A 369 3.10 1.65 43.86
N LEU A 370 4.21 0.93 44.07
CA LEU A 370 4.46 0.22 45.31
C LEU A 370 5.72 0.74 45.99
N LEU A 371 5.57 1.29 47.19
CA LEU A 371 6.70 1.86 47.92
C LEU A 371 6.57 1.78 49.44
N PRO A 372 7.71 1.68 50.15
CA PRO A 372 7.72 1.66 51.62
C PRO A 372 7.40 3.04 52.20
N GLU A 373 6.95 3.08 53.44
CA GLU A 373 6.60 4.35 54.08
C GLU A 373 7.72 5.38 54.01
N LEU A 374 7.37 6.59 53.57
CA LEU A 374 8.35 7.65 53.43
C LEU A 374 7.89 8.97 54.05
N ASN A 375 8.83 9.89 54.26
CA ASN A 375 8.50 11.21 54.79
C ASN A 375 9.10 12.33 53.95
N VAL A 376 8.72 13.57 54.24
CA VAL A 376 9.22 14.73 53.53
C VAL A 376 10.73 14.89 53.72
N GLY A 377 11.46 15.03 52.62
CA GLY A 377 12.91 15.19 52.70
C GLY A 377 13.66 13.99 52.14
N ASP A 378 12.91 12.99 51.71
CA ASP A 378 13.48 11.78 51.12
C ASP A 378 13.74 11.97 49.63
N TRP A 379 14.53 11.09 49.04
CA TRP A 379 14.91 11.22 47.64
C TRP A 379 14.37 10.05 46.82
N LEU A 380 14.09 10.31 45.54
CA LEU A 380 13.59 9.28 44.64
C LEU A 380 14.37 9.28 43.32
N ILE A 381 14.63 8.10 42.81
CA ILE A 381 15.44 7.96 41.59
C ILE A 381 14.61 7.51 40.38
N PHE A 382 14.75 8.23 39.27
CA PHE A 382 14.03 7.90 38.05
C PHE A 382 14.98 7.62 36.88
N ASP A 383 14.93 6.39 36.38
CA ASP A 383 15.74 6.00 35.23
C ASP A 383 14.98 6.31 33.95
N ASN A 384 15.70 6.38 32.84
CA ASN A 384 15.11 6.67 31.53
C ASN A 384 14.37 8.00 31.51
N MET A 385 15.11 9.09 31.74
CA MET A 385 14.53 10.42 31.78
C MET A 385 15.17 11.34 30.75
N GLY A 386 15.41 10.80 29.56
CA GLY A 386 16.04 11.57 28.50
C GLY A 386 15.10 12.07 27.41
N ALA A 387 13.99 11.36 27.22
CA ALA A 387 13.06 11.69 26.15
C ALA A 387 12.16 12.87 26.49
N ASP A 388 12.42 14.00 25.81
CA ASP A 388 11.64 15.22 25.95
C ASP A 388 11.46 15.68 27.40
N SER A 389 12.55 15.72 28.15
CA SER A 389 12.47 16.15 29.55
C SER A 389 13.13 17.51 29.75
N PHE A 390 13.85 17.98 28.73
CA PHE A 390 14.55 19.25 28.83
C PHE A 390 13.77 20.37 28.15
N HIS A 391 13.34 21.35 28.94
CA HIS A 391 12.69 22.55 28.42
C HIS A 391 13.37 23.81 28.92
N GLU A 392 13.08 24.94 28.28
CA GLU A 392 13.71 26.22 28.61
C GLU A 392 13.05 26.86 29.83
N PRO A 393 13.87 27.47 30.70
CA PRO A 393 13.47 28.17 31.93
C PRO A 393 12.70 29.46 31.64
N SER A 394 11.53 29.59 32.24
CA SER A 394 10.66 30.74 32.06
C SER A 394 9.56 30.78 33.12
N ALA A 395 8.57 31.63 32.90
CA ALA A 395 7.42 31.73 33.80
C ALA A 395 6.55 30.47 33.76
N PHE A 396 6.76 29.64 32.75
CA PHE A 396 6.00 28.41 32.56
C PHE A 396 6.27 27.45 33.72
N ASN A 397 7.49 27.47 34.24
CA ASN A 397 7.86 26.62 35.36
C ASN A 397 8.55 27.37 36.49
N ASP A 398 8.17 28.63 36.66
CA ASP A 398 8.68 29.47 37.75
C ASP A 398 10.21 29.62 37.72
N PHE A 399 10.75 29.86 36.54
CA PHE A 399 12.19 30.07 36.35
C PHE A 399 13.06 29.01 37.04
N GLN A 400 12.53 27.80 37.12
CA GLN A 400 13.21 26.70 37.79
C GLN A 400 13.59 25.59 36.81
N ARG A 401 14.89 25.34 36.71
CA ARG A 401 15.40 24.25 35.88
C ARG A 401 16.39 23.43 36.68
N PRO A 402 16.34 22.10 36.54
CA PRO A 402 17.26 21.21 37.27
C PRO A 402 18.71 21.46 36.88
N ALA A 403 19.64 21.11 37.78
CA ALA A 403 21.05 21.31 37.53
C ALA A 403 21.54 20.36 36.44
N ILE A 404 22.67 20.70 35.81
CA ILE A 404 23.20 19.87 34.74
C ILE A 404 24.48 19.15 35.16
N TYR A 405 24.38 17.84 35.34
CA TYR A 405 25.54 17.04 35.70
C TYR A 405 25.80 15.98 34.63
N TYR A 406 27.07 15.80 34.29
CA TYR A 406 27.45 14.87 33.24
C TYR A 406 28.45 13.82 33.73
N MET A 407 28.37 12.61 33.19
CA MET A 407 29.27 11.54 33.60
C MET A 407 29.99 10.94 32.41
N MET A 408 31.25 10.54 32.63
CA MET A 408 32.07 9.95 31.58
C MET A 408 33.01 8.89 32.14
N SER A 409 33.17 7.79 31.42
CA SER A 409 34.05 6.71 31.84
C SER A 409 35.40 6.77 31.12
N PHE A 410 36.43 6.22 31.77
CA PHE A 410 37.78 6.18 31.22
C PHE A 410 37.82 5.41 29.90
N SER A 411 37.08 4.30 29.85
CA SER A 411 37.03 3.47 28.65
C SER A 411 36.53 4.25 27.45
N ASP A 412 35.44 4.98 27.65
CA ASP A 412 34.88 5.82 26.61
C ASP A 412 35.83 6.97 26.27
N TRP A 413 36.61 7.39 27.27
CA TRP A 413 37.59 8.45 27.06
C TRP A 413 38.68 8.02 26.09
N TYR A 414 39.30 6.87 26.34
CA TYR A 414 40.29 6.37 25.40
C TYR A 414 39.62 6.00 24.09
N GLU A 415 38.33 5.66 24.14
CA GLU A 415 37.59 5.36 22.93
C GLU A 415 37.35 6.59 22.05
N MET A 416 37.30 7.78 22.64
CA MET A 416 37.18 9.00 21.85
C MET A 416 38.55 9.56 21.45
N GLN A 417 39.53 9.38 22.33
CA GLN A 417 40.89 9.86 22.08
C GLN A 417 41.60 9.18 20.91
N ASP A 418 41.37 7.89 20.72
CA ASP A 418 42.02 7.16 19.63
C ASP A 418 41.34 7.44 18.30
N ALA A 419 40.14 8.02 18.38
CA ALA A 419 39.36 8.33 17.18
C ALA A 419 39.75 9.69 16.59
N GLY A 420 40.64 10.39 17.29
CA GLY A 420 41.13 11.67 16.82
C GLY A 420 40.13 12.79 16.91
N ILE A 421 39.23 12.73 17.89
CA ILE A 421 38.18 13.72 18.01
C ILE A 421 38.58 14.81 19.00
N THR A 422 39.21 14.40 20.10
CA THR A 422 39.55 15.31 21.21
C THR A 422 40.56 16.40 20.85
N SER A 423 41.14 16.33 19.66
CA SER A 423 42.23 17.24 19.28
C SER A 423 41.82 18.35 18.33
N ASP A 424 40.58 18.33 17.83
CA ASP A 424 40.15 19.33 16.86
C ASP A 424 39.66 20.62 17.54
N SER A 425 39.59 21.69 16.78
CA SER A 425 39.29 23.02 17.31
C SER A 425 37.85 23.23 17.75
N MET A 426 36.92 22.48 17.17
CA MET A 426 35.50 22.74 17.41
C MET A 426 35.03 22.50 18.85
N MET A 427 35.92 21.98 19.70
CA MET A 427 35.54 21.66 21.08
C MET A 427 36.31 22.45 22.12
N LYS A 428 36.64 23.71 21.82
CA LYS A 428 37.35 24.58 22.76
C LYS A 428 36.54 24.85 24.03
N ASN A 429 35.28 24.42 24.02
CA ASN A 429 34.34 24.68 25.10
C ASN A 429 34.42 23.62 26.21
N PHE A 430 34.95 22.44 25.87
CA PHE A 430 34.94 21.31 26.79
C PHE A 430 35.73 21.55 28.07
N PHE A 431 35.20 21.07 29.19
CA PHE A 431 35.89 21.11 30.46
C PHE A 431 35.61 19.83 31.24
N PHE A 432 36.58 18.92 31.26
CA PHE A 432 36.38 17.61 31.86
C PHE A 432 37.38 17.34 32.99
N VAL A 433 36.87 16.80 34.09
CA VAL A 433 37.68 16.48 35.26
C VAL A 433 36.84 15.71 36.28
N LYS B 18 -14.66 19.20 1.57
CA LYS B 18 -15.82 19.54 2.40
C LYS B 18 -15.52 20.75 3.29
N ARG B 19 -16.48 21.67 3.38
CA ARG B 19 -16.32 22.84 4.23
C ARG B 19 -16.30 22.45 5.71
N ILE B 20 -15.34 22.98 6.45
CA ILE B 20 -15.18 22.63 7.86
C ILE B 20 -15.23 23.88 8.75
N ASN B 21 -16.10 23.85 9.76
CA ASN B 21 -16.21 25.00 10.65
C ASN B 21 -15.48 24.74 11.96
N TRP B 22 -14.54 25.61 12.30
CA TRP B 22 -13.80 25.50 13.56
C TRP B 22 -13.92 26.78 14.38
N ARG B 23 -14.17 26.64 15.67
CA ARG B 23 -14.28 27.81 16.54
C ARG B 23 -12.90 28.30 16.96
N THR B 24 -12.60 29.56 16.65
CA THR B 24 -11.31 30.16 16.95
C THR B 24 -11.51 31.61 17.37
N VAL B 25 -10.86 32.01 18.46
CA VAL B 25 -11.02 33.38 18.96
C VAL B 25 -9.70 34.13 19.21
N LEU B 26 -9.64 35.36 18.71
CA LEU B 26 -8.44 36.19 18.82
C LEU B 26 -8.63 37.29 19.85
N SER B 27 -7.66 37.43 20.76
CA SER B 27 -7.72 38.47 21.78
C SER B 27 -6.33 38.87 22.27
N GLY B 28 -6.10 40.17 22.42
CA GLY B 28 -4.83 40.67 22.91
C GLY B 28 -3.61 40.35 22.07
N GLY B 29 -3.80 40.23 20.76
CA GLY B 29 -2.68 39.94 19.88
C GLY B 29 -2.18 38.50 19.99
N SER B 30 -2.93 37.67 20.72
CA SER B 30 -2.60 36.27 20.90
C SER B 30 -3.80 35.41 20.52
N LEU B 31 -3.59 34.43 19.65
CA LEU B 31 -4.71 33.64 19.15
C LEU B 31 -5.00 32.38 19.94
N TYR B 32 -6.28 32.13 20.20
CA TYR B 32 -6.71 30.96 20.94
C TYR B 32 -7.59 30.07 20.07
N ILE B 33 -7.25 28.78 20.00
CA ILE B 33 -8.05 27.83 19.24
C ILE B 33 -8.75 26.85 20.17
N GLU B 34 -10.07 26.77 20.08
CA GLU B 34 -10.82 25.82 20.89
C GLU B 34 -11.28 24.63 20.05
N ILE B 35 -10.73 23.45 20.33
CA ILE B 35 -11.10 22.27 19.57
C ILE B 35 -12.29 21.53 20.17
N PRO B 36 -13.30 21.21 19.34
CA PRO B 36 -14.49 20.45 19.77
C PRO B 36 -14.15 18.99 20.01
N GLY B 37 -14.93 18.32 20.86
CA GLY B 37 -14.70 16.91 21.16
C GLY B 37 -14.85 16.03 19.92
N GLY B 38 -14.20 14.88 19.94
CA GLY B 38 -14.27 13.95 18.83
C GLY B 38 -13.08 14.01 17.88
N ALA B 39 -13.10 13.15 16.87
CA ALA B 39 -12.03 13.09 15.89
C ALA B 39 -12.06 14.25 14.89
N LEU B 40 -10.99 14.36 14.10
CA LEU B 40 -10.87 15.40 13.09
C LEU B 40 -11.28 14.91 11.70
N PRO B 41 -11.81 15.82 10.87
CA PRO B 41 -12.14 15.49 9.48
C PRO B 41 -10.87 15.54 8.63
N GLU B 42 -10.89 14.95 7.44
CA GLU B 42 -9.71 14.95 6.60
C GLU B 42 -9.45 16.33 6.02
N GLY B 43 -8.20 16.58 5.63
CA GLY B 43 -7.80 17.88 5.12
C GLY B 43 -7.65 18.91 6.23
N SER B 44 -7.62 18.42 7.46
CA SER B 44 -7.48 19.32 8.62
C SER B 44 -6.05 19.81 8.78
N LYS B 45 -5.09 19.04 8.25
CA LYS B 45 -3.69 19.43 8.28
C LYS B 45 -3.54 20.75 7.53
N ASP B 46 -4.07 20.77 6.32
CA ASP B 46 -4.10 21.97 5.50
C ASP B 46 -4.87 23.08 6.21
N SER B 47 -5.91 22.69 6.94
CA SER B 47 -6.74 23.65 7.65
C SER B 47 -5.96 24.43 8.72
N PHE B 48 -5.29 23.73 9.63
CA PHE B 48 -4.50 24.44 10.63
C PHE B 48 -3.25 25.07 9.99
N ALA B 49 -2.83 24.54 8.85
CA ALA B 49 -1.73 25.13 8.10
C ALA B 49 -2.09 26.55 7.64
N VAL B 50 -3.19 26.68 6.91
CA VAL B 50 -3.65 28.00 6.45
C VAL B 50 -4.14 28.83 7.63
N LEU B 51 -4.48 28.16 8.72
CA LEU B 51 -4.85 28.84 9.95
C LEU B 51 -3.61 29.59 10.46
N LEU B 52 -2.46 28.93 10.45
CA LEU B 52 -1.22 29.60 10.86
C LEU B 52 -0.73 30.63 9.84
N GLU B 53 -0.90 30.33 8.56
CA GLU B 53 -0.54 31.28 7.51
C GLU B 53 -1.31 32.58 7.68
N PHE B 54 -2.61 32.46 7.93
CA PHE B 54 -3.45 33.61 8.19
C PHE B 54 -3.15 34.22 9.55
N ALA B 55 -2.64 33.39 10.46
CA ALA B 55 -2.26 33.87 11.78
C ALA B 55 -1.04 34.78 11.69
N GLU B 56 -0.25 34.60 10.65
CA GLU B 56 0.95 35.42 10.46
C GLU B 56 0.79 36.58 9.47
N GLU B 57 0.11 36.36 8.36
CA GLU B 57 0.08 37.36 7.30
C GLU B 57 -0.74 38.62 7.61
N GLN B 58 -2.01 38.46 7.93
CA GLN B 58 -2.87 39.64 8.09
C GLN B 58 -3.09 40.06 9.56
N LEU B 59 -3.33 39.10 10.43
CA LEU B 59 -3.58 39.40 11.84
C LEU B 59 -2.30 39.42 12.67
N ARG B 60 -1.20 38.99 12.06
CA ARG B 60 0.15 39.01 12.65
C ARG B 60 0.24 38.59 14.13
N ALA B 61 -0.16 37.36 14.43
CA ALA B 61 -0.06 36.86 15.80
C ALA B 61 1.39 36.65 16.21
N ASP B 62 1.69 36.94 17.48
CA ASP B 62 3.01 36.67 18.05
C ASP B 62 3.05 35.35 18.80
N HIS B 63 1.88 34.71 18.89
CA HIS B 63 1.73 33.49 19.67
C HIS B 63 0.45 32.74 19.30
N VAL B 64 0.56 31.44 19.08
CA VAL B 64 -0.62 30.61 18.85
C VAL B 64 -0.84 29.64 20.00
N PHE B 65 -2.11 29.29 20.23
CA PHE B 65 -2.51 28.59 21.44
C PHE B 65 -3.62 27.58 21.18
N ILE B 66 -3.52 26.43 21.85
CA ILE B 66 -4.52 25.38 21.76
C ILE B 66 -5.16 25.11 23.13
N CYS B 67 -6.48 25.00 23.13
CA CYS B 67 -7.24 24.71 24.35
C CYS B 67 -8.29 23.66 24.01
N PHE B 68 -8.46 22.66 24.88
CA PHE B 68 -9.51 21.66 24.68
C PHE B 68 -9.94 20.98 25.97
N HIS B 69 -11.15 20.44 25.98
CA HIS B 69 -11.71 19.87 27.21
C HIS B 69 -10.86 18.74 27.79
N LYS B 70 -10.82 18.67 29.12
CA LYS B 70 -9.95 17.71 29.79
C LYS B 70 -10.39 16.26 29.62
N ASN B 71 -11.67 16.02 29.88
CA ASN B 71 -12.19 14.65 29.93
C ASN B 71 -12.51 14.09 28.55
N ARG B 72 -11.48 13.61 27.85
CA ARG B 72 -11.69 12.92 26.59
C ARG B 72 -10.68 11.80 26.40
N GLU B 73 -10.99 10.86 25.52
CA GLU B 73 -10.14 9.69 25.36
C GLU B 73 -9.04 9.94 24.34
N ASP B 74 -9.08 11.11 23.71
CA ASP B 74 -8.05 11.48 22.75
C ASP B 74 -7.26 12.69 23.23
N ARG B 75 -7.12 12.84 24.53
CA ARG B 75 -6.35 13.94 25.09
C ARG B 75 -4.90 13.78 24.65
N ALA B 76 -4.35 12.59 24.91
CA ALA B 76 -2.97 12.29 24.59
C ALA B 76 -2.71 12.41 23.11
N ALA B 77 -3.71 12.05 22.32
CA ALA B 77 -3.63 12.09 20.86
C ALA B 77 -3.42 13.51 20.33
N LEU B 78 -4.21 14.45 20.83
CA LEU B 78 -4.12 15.84 20.40
C LEU B 78 -2.89 16.50 21.00
N LEU B 79 -2.58 16.12 22.23
CA LEU B 79 -1.39 16.62 22.91
C LEU B 79 -0.13 16.27 22.13
N ARG B 80 0.02 14.99 21.77
CA ARG B 80 1.15 14.55 20.97
C ARG B 80 1.07 15.11 19.55
N THR B 81 -0.15 15.33 19.07
CA THR B 81 -0.36 15.91 17.74
C THR B 81 0.29 17.28 17.65
N PHE B 82 -0.16 18.20 18.51
CA PHE B 82 0.39 19.55 18.53
C PHE B 82 1.82 19.56 19.09
N SER B 83 2.19 18.47 19.76
CA SER B 83 3.56 18.27 20.21
C SER B 83 4.47 18.12 19.00
N PHE B 84 4.07 17.27 18.07
CA PHE B 84 4.81 17.12 16.84
C PHE B 84 4.69 18.37 15.98
N LEU B 85 3.54 19.02 16.05
CA LEU B 85 3.33 20.29 15.33
C LEU B 85 4.21 21.41 15.86
N GLY B 86 4.71 21.24 17.08
CA GLY B 86 5.65 22.19 17.67
C GLY B 86 5.13 22.93 18.88
N PHE B 87 3.89 22.64 19.27
CA PHE B 87 3.28 23.31 20.42
C PHE B 87 3.85 22.77 21.74
N GLU B 88 3.86 23.63 22.75
CA GLU B 88 4.39 23.25 24.07
C GLU B 88 3.34 23.44 25.16
N ILE B 89 3.41 22.60 26.19
CA ILE B 89 2.44 22.63 27.28
C ILE B 89 2.54 23.87 28.16
N VAL B 90 1.40 24.53 28.38
CA VAL B 90 1.33 25.69 29.26
C VAL B 90 0.46 25.39 30.48
N ARG B 91 1.02 25.61 31.67
CA ARG B 91 0.29 25.37 32.91
C ARG B 91 -0.79 26.41 33.15
N PRO B 92 -2.01 25.97 33.43
CA PRO B 92 -3.12 26.88 33.75
C PRO B 92 -2.75 27.82 34.90
N GLY B 93 -3.14 29.08 34.78
CA GLY B 93 -2.78 30.08 35.77
C GLY B 93 -1.91 31.18 35.19
N HIS B 94 -1.56 31.04 33.92
CA HIS B 94 -0.79 32.07 33.21
C HIS B 94 -1.65 33.27 32.86
N PRO B 95 -1.08 34.48 33.08
CA PRO B 95 -1.71 35.78 32.81
C PRO B 95 -2.43 35.83 31.47
N LEU B 96 -1.87 35.20 30.44
CA LEU B 96 -2.50 35.23 29.12
C LEU B 96 -3.51 34.10 28.94
N VAL B 97 -3.60 33.23 29.95
CA VAL B 97 -4.52 32.11 29.92
C VAL B 97 -5.76 32.39 30.78
N PRO B 98 -6.96 32.24 30.19
CA PRO B 98 -8.22 32.45 30.92
C PRO B 98 -8.37 31.44 32.07
N LYS B 99 -8.85 31.91 33.22
CA LYS B 99 -8.97 31.07 34.40
C LYS B 99 -10.05 30.00 34.19
N ARG B 100 -9.65 28.86 33.64
CA ARG B 100 -10.56 27.74 33.46
C ARG B 100 -9.83 26.41 33.63
N PRO B 101 -10.01 25.76 34.79
CA PRO B 101 -9.32 24.53 35.20
C PRO B 101 -9.85 23.26 34.54
N ASP B 102 -10.89 23.37 33.71
CA ASP B 102 -11.44 22.19 33.05
C ASP B 102 -10.97 22.09 31.60
N ALA B 103 -9.85 22.74 31.31
CA ALA B 103 -9.29 22.73 29.95
C ALA B 103 -7.78 22.52 29.93
N CYS B 104 -7.33 21.76 28.94
CA CYS B 104 -5.91 21.54 28.71
C CYS B 104 -5.40 22.51 27.66
N PHE B 105 -4.13 22.90 27.81
CA PHE B 105 -3.55 24.00 27.04
C PHE B 105 -2.18 23.67 26.46
N MET B 106 -2.01 23.95 25.18
CA MET B 106 -0.70 23.88 24.54
C MET B 106 -0.38 25.20 23.86
N ALA B 107 0.91 25.46 23.61
CA ALA B 107 1.31 26.77 23.11
C ALA B 107 2.48 26.70 22.13
N TYR B 108 2.43 27.53 21.09
CA TYR B 108 3.55 27.65 20.16
C TYR B 108 3.89 29.12 19.99
N THR B 109 5.15 29.47 20.25
CA THR B 109 5.56 30.86 20.21
C THR B 109 6.43 31.17 19.00
N PHE B 110 6.30 32.37 18.45
CA PHE B 110 7.06 32.78 17.29
C PHE B 110 8.24 33.64 17.69
N GLU B 111 8.86 34.29 16.71
CA GLU B 111 10.01 35.15 16.97
C GLU B 111 9.68 36.60 16.62
N TYR C 11 -8.12 -24.71 -40.78
CA TYR C 11 -6.76 -24.80 -40.27
C TYR C 11 -5.76 -24.42 -41.34
N SER C 12 -5.76 -23.14 -41.71
CA SER C 12 -4.86 -22.64 -42.74
C SER C 12 -4.40 -21.22 -42.43
N VAL C 13 -3.10 -21.01 -42.41
CA VAL C 13 -2.52 -19.69 -42.17
C VAL C 13 -1.63 -19.25 -43.32
N GLY C 14 -1.91 -18.06 -43.85
CA GLY C 14 -1.22 -17.54 -45.02
C GLY C 14 0.12 -16.88 -44.74
N LEU C 15 0.99 -16.91 -45.73
CA LEU C 15 2.29 -16.26 -45.64
C LEU C 15 2.15 -14.74 -45.77
N LEU C 16 3.12 -14.00 -45.24
CA LEU C 16 3.11 -12.55 -45.35
C LEU C 16 4.50 -11.96 -45.57
N ASP C 17 4.65 -11.17 -46.63
CA ASP C 17 5.88 -10.45 -46.89
C ASP C 17 5.76 -8.98 -46.54
N GLU C 18 6.87 -8.25 -46.64
CA GLU C 18 6.91 -6.83 -46.30
C GLU C 18 6.02 -5.99 -47.22
N GLY C 19 5.74 -6.53 -48.39
CA GLY C 19 4.89 -5.86 -49.38
C GLY C 19 3.41 -5.98 -49.12
N THR C 20 3.02 -6.96 -48.31
CA THR C 20 1.62 -7.19 -48.01
C THR C 20 1.26 -6.74 -46.60
N ASP C 21 0.02 -6.33 -46.39
CA ASP C 21 -0.44 -5.86 -45.09
C ASP C 21 -1.81 -6.43 -44.77
N LEU C 22 -2.35 -6.08 -43.61
CA LEU C 22 -3.69 -6.53 -43.21
C LEU C 22 -4.79 -5.86 -44.06
N GLY C 23 -4.50 -4.68 -44.58
CA GLY C 23 -5.47 -3.93 -45.37
C GLY C 23 -5.99 -4.65 -46.59
N ASN C 24 -5.08 -5.31 -47.31
CA ASN C 24 -5.44 -6.00 -48.55
C ASN C 24 -6.10 -7.35 -48.31
N VAL C 25 -5.80 -7.98 -47.17
CA VAL C 25 -6.50 -9.20 -46.81
C VAL C 25 -7.91 -8.83 -46.36
N ILE C 26 -8.04 -7.68 -45.70
CA ILE C 26 -9.35 -7.17 -45.36
C ILE C 26 -10.17 -6.88 -46.61
N ASP C 27 -9.60 -6.12 -47.55
CA ASP C 27 -10.35 -5.78 -48.76
C ASP C 27 -10.67 -6.98 -49.66
N ASN C 28 -9.75 -7.95 -49.74
CA ASN C 28 -10.03 -9.16 -50.53
C ASN C 28 -11.08 -10.05 -49.87
N TYR C 29 -10.96 -10.26 -48.56
CA TYR C 29 -11.96 -11.03 -47.83
C TYR C 29 -13.32 -10.37 -47.97
N VAL C 30 -13.33 -9.04 -47.95
CA VAL C 30 -14.53 -8.28 -48.22
C VAL C 30 -15.05 -8.59 -49.62
N TYR C 31 -14.13 -8.60 -50.58
CA TYR C 31 -14.48 -8.84 -51.98
C TYR C 31 -15.16 -10.19 -52.22
N GLU C 32 -14.57 -11.28 -51.72
CA GLU C 32 -15.18 -12.59 -51.95
C GLU C 32 -16.39 -12.85 -51.04
N HIS C 33 -16.40 -12.27 -49.84
CA HIS C 33 -17.53 -12.48 -48.94
C HIS C 33 -18.76 -11.65 -49.33
N THR C 34 -18.53 -10.58 -50.09
CA THR C 34 -19.62 -9.72 -50.54
C THR C 34 -20.61 -10.48 -51.42
N LEU C 35 -20.10 -11.43 -52.19
CA LEU C 35 -20.92 -12.21 -53.10
C LEU C 35 -21.36 -13.56 -52.49
N THR C 36 -20.55 -14.09 -51.58
CA THR C 36 -20.82 -15.40 -50.99
C THR C 36 -21.70 -15.29 -49.73
N GLY C 37 -21.28 -16.00 -48.69
CA GLY C 37 -22.02 -16.10 -47.44
C GLY C 37 -22.48 -14.79 -46.81
N LYS C 38 -21.73 -13.72 -47.07
CA LYS C 38 -22.05 -12.39 -46.55
C LYS C 38 -21.93 -12.33 -45.03
N ASN C 39 -21.23 -13.29 -44.45
CA ASN C 39 -21.02 -13.36 -43.01
C ASN C 39 -19.86 -12.49 -42.52
N ALA C 40 -19.84 -12.19 -41.23
CA ALA C 40 -18.75 -11.44 -40.62
C ALA C 40 -17.46 -12.25 -40.65
N PHE C 41 -16.33 -11.61 -40.38
CA PHE C 41 -15.06 -12.32 -40.44
C PHE C 41 -14.10 -11.99 -39.30
N PHE C 42 -13.45 -13.01 -38.75
CA PHE C 42 -12.45 -12.80 -37.70
C PHE C 42 -11.05 -13.07 -38.23
N VAL C 43 -10.10 -12.17 -37.93
CA VAL C 43 -8.72 -12.39 -38.32
C VAL C 43 -7.78 -12.31 -37.13
N GLY C 44 -6.97 -13.35 -36.94
CA GLY C 44 -6.07 -13.41 -35.81
C GLY C 44 -4.62 -13.67 -36.21
N ASP C 45 -3.71 -12.84 -35.70
CA ASP C 45 -2.28 -13.00 -35.97
C ASP C 45 -1.67 -13.77 -34.81
N LEU C 46 -1.31 -15.03 -35.04
CA LEU C 46 -0.69 -15.83 -33.98
C LEU C 46 0.78 -15.48 -33.81
N GLY C 47 1.40 -14.95 -34.86
CA GLY C 47 2.80 -14.58 -34.82
C GLY C 47 3.10 -13.45 -33.84
N LYS C 48 2.16 -12.53 -33.67
CA LYS C 48 2.32 -11.44 -32.72
C LYS C 48 2.04 -11.91 -31.29
N ILE C 49 1.24 -12.98 -31.18
CA ILE C 49 0.99 -13.61 -29.89
C ILE C 49 2.27 -14.30 -29.42
N VAL C 50 2.89 -15.04 -30.34
CA VAL C 50 4.18 -15.67 -30.09
C VAL C 50 5.19 -14.58 -29.77
N LYS C 51 5.11 -13.48 -30.50
CA LYS C 51 5.95 -12.31 -30.26
C LYS C 51 5.74 -11.74 -28.87
N LYS C 52 4.51 -11.86 -28.35
CA LYS C 52 4.21 -11.39 -27.01
C LYS C 52 4.71 -12.37 -25.96
N HIS C 53 4.86 -13.64 -26.36
CA HIS C 53 5.47 -14.63 -25.48
C HIS C 53 6.96 -14.39 -25.39
N SER C 54 7.57 -14.03 -26.52
CA SER C 54 8.99 -13.70 -26.57
C SER C 54 9.24 -12.40 -25.84
N GLN C 55 8.23 -11.52 -25.87
CA GLN C 55 8.28 -10.27 -25.13
C GLN C 55 8.24 -10.58 -23.64
N TRP C 56 7.40 -11.54 -23.28
CA TRP C 56 7.29 -12.02 -21.91
C TRP C 56 8.63 -12.56 -21.43
N GLN C 57 9.26 -13.40 -22.27
CA GLN C 57 10.55 -13.97 -21.95
C GLN C 57 11.63 -12.88 -21.87
N ASN C 58 11.45 -11.82 -22.65
CA ASN C 58 12.37 -10.68 -22.65
C ASN C 58 12.32 -9.91 -21.34
N VAL C 59 11.12 -9.50 -20.93
CA VAL C 59 10.96 -8.70 -19.72
C VAL C 59 11.24 -9.55 -18.48
N VAL C 60 10.51 -10.65 -18.33
CA VAL C 60 10.69 -11.53 -17.19
C VAL C 60 10.45 -12.98 -17.60
N ALA C 61 11.53 -13.75 -17.57
CA ALA C 61 11.52 -15.13 -18.05
C ALA C 61 11.32 -16.13 -16.93
N GLN C 62 11.48 -15.65 -15.70
CA GLN C 62 11.37 -16.51 -14.53
C GLN C 62 9.94 -16.71 -14.04
N ILE C 63 8.96 -16.44 -14.91
CA ILE C 63 7.55 -16.70 -14.61
C ILE C 63 6.93 -17.58 -15.69
N LYS C 64 6.36 -18.71 -15.30
CA LYS C 64 5.73 -19.62 -16.28
C LYS C 64 4.25 -19.29 -16.47
N PRO C 65 3.87 -18.86 -17.68
CA PRO C 65 2.49 -18.49 -18.01
C PRO C 65 1.54 -19.67 -18.25
N PHE C 66 0.34 -19.58 -17.70
CA PHE C 66 -0.73 -20.57 -17.88
C PHE C 66 -1.98 -19.86 -18.40
N TYR C 67 -2.19 -19.93 -19.72
CA TYR C 67 -3.19 -19.11 -20.39
C TYR C 67 -4.64 -19.31 -19.97
N THR C 68 -5.27 -18.23 -19.55
CA THR C 68 -6.69 -18.24 -19.22
C THR C 68 -7.51 -18.41 -20.49
N VAL C 69 -8.14 -19.57 -20.61
CA VAL C 69 -8.84 -19.98 -21.82
C VAL C 69 -10.08 -19.16 -22.15
N LYS C 70 -10.69 -18.56 -21.14
CA LYS C 70 -11.93 -17.83 -21.34
C LYS C 70 -11.78 -16.66 -22.31
N CYS C 71 -10.55 -16.18 -22.48
CA CYS C 71 -10.30 -15.14 -23.47
C CYS C 71 -10.44 -15.75 -24.88
N ASN C 72 -9.78 -16.89 -25.09
CA ASN C 72 -9.90 -17.62 -26.35
C ASN C 72 -9.59 -19.11 -26.20
N SER C 73 -10.59 -19.96 -26.47
CA SER C 73 -10.44 -21.40 -26.30
C SER C 73 -10.48 -22.13 -27.64
N ALA C 74 -10.22 -21.41 -28.72
CA ALA C 74 -10.19 -21.99 -30.06
C ALA C 74 -9.04 -22.98 -30.20
N PRO C 75 -9.28 -24.11 -30.87
CA PRO C 75 -8.30 -25.19 -31.04
C PRO C 75 -6.99 -24.72 -31.65
N ALA C 76 -7.03 -23.75 -32.56
CA ALA C 76 -5.82 -23.24 -33.19
C ALA C 76 -4.91 -22.59 -32.15
N VAL C 77 -5.48 -21.62 -31.44
CA VAL C 77 -4.77 -20.89 -30.39
C VAL C 77 -4.24 -21.85 -29.33
N LEU C 78 -5.08 -22.79 -28.91
CA LEU C 78 -4.67 -23.79 -27.92
C LEU C 78 -3.53 -24.65 -28.45
N GLU C 79 -3.54 -24.92 -29.75
CA GLU C 79 -2.51 -25.73 -30.38
C GLU C 79 -1.17 -25.00 -30.39
N ILE C 80 -1.16 -23.75 -30.84
CA ILE C 80 0.09 -22.99 -30.87
C ILE C 80 0.59 -22.68 -29.45
N LEU C 81 -0.32 -22.56 -28.48
CA LEU C 81 0.09 -22.28 -27.11
C LEU C 81 0.68 -23.52 -26.44
N ALA C 82 0.09 -24.68 -26.71
CA ALA C 82 0.65 -25.93 -26.22
C ALA C 82 1.98 -26.19 -26.89
N ALA C 83 2.09 -25.74 -28.14
CA ALA C 83 3.33 -25.87 -28.90
C ALA C 83 4.40 -24.96 -28.31
N LEU C 84 3.95 -23.83 -27.79
CA LEU C 84 4.85 -22.84 -27.20
C LEU C 84 5.33 -23.23 -25.81
N GLY C 85 4.66 -24.20 -25.21
CA GLY C 85 5.02 -24.67 -23.89
C GLY C 85 4.24 -23.95 -22.79
N THR C 86 3.36 -23.05 -23.20
CA THR C 86 2.55 -22.28 -22.27
C THR C 86 1.47 -23.16 -21.63
N GLY C 87 1.27 -22.98 -20.33
CA GLY C 87 0.32 -23.81 -19.59
C GLY C 87 -1.12 -23.42 -19.85
N PHE C 88 -2.05 -24.08 -19.16
CA PHE C 88 -3.47 -23.87 -19.39
C PHE C 88 -4.27 -23.65 -18.12
N ALA C 89 -4.97 -22.52 -18.06
CA ALA C 89 -5.91 -22.25 -16.98
C ALA C 89 -7.30 -22.66 -17.43
N CYS C 90 -7.93 -23.56 -16.69
CA CYS C 90 -9.19 -24.17 -17.11
C CYS C 90 -10.42 -23.63 -16.38
N SER C 91 -11.56 -23.65 -17.06
CA SER C 91 -12.80 -23.12 -16.50
C SER C 91 -14.01 -24.01 -16.76
N SER C 92 -13.80 -25.12 -17.46
CA SER C 92 -14.88 -26.07 -17.72
C SER C 92 -14.33 -27.47 -18.03
N LYS C 93 -15.16 -28.49 -17.90
CA LYS C 93 -14.70 -29.87 -18.10
C LYS C 93 -14.62 -30.30 -19.56
N ASN C 94 -15.48 -29.75 -20.42
CA ASN C 94 -15.42 -30.03 -21.85
C ASN C 94 -14.13 -29.46 -22.40
N GLU C 95 -13.76 -28.29 -21.89
CA GLU C 95 -12.50 -27.66 -22.24
C GLU C 95 -11.34 -28.58 -21.88
N MET C 96 -11.34 -29.07 -20.64
CA MET C 96 -10.27 -29.96 -20.19
C MET C 96 -10.23 -31.23 -21.01
N ALA C 97 -11.38 -31.68 -21.49
CA ALA C 97 -11.45 -32.86 -22.34
C ALA C 97 -10.78 -32.60 -23.69
N LEU C 98 -11.07 -31.44 -24.28
CA LEU C 98 -10.49 -31.07 -25.57
C LEU C 98 -8.99 -30.80 -25.47
N VAL C 99 -8.60 -30.09 -24.43
CA VAL C 99 -7.21 -29.74 -24.16
C VAL C 99 -6.38 -31.00 -23.91
N GLN C 100 -6.93 -31.91 -23.10
CA GLN C 100 -6.28 -33.19 -22.84
C GLN C 100 -6.22 -34.02 -24.11
N GLU C 101 -7.23 -33.85 -24.96
CA GLU C 101 -7.29 -34.53 -26.25
C GLU C 101 -6.19 -34.03 -27.18
N LEU C 102 -5.82 -32.76 -27.00
CA LEU C 102 -4.80 -32.13 -27.83
C LEU C 102 -3.43 -32.78 -27.63
N GLY C 103 -3.13 -33.22 -26.41
CA GLY C 103 -1.87 -33.87 -26.12
C GLY C 103 -1.01 -33.13 -25.11
N VAL C 104 -1.67 -32.39 -24.23
CA VAL C 104 -0.99 -31.62 -23.20
C VAL C 104 -0.66 -32.48 -21.98
N PRO C 105 0.52 -32.25 -21.38
CA PRO C 105 0.87 -32.96 -20.14
C PRO C 105 0.01 -32.47 -18.96
N PRO C 106 -0.39 -33.39 -18.08
CA PRO C 106 -1.26 -33.07 -16.93
C PRO C 106 -0.54 -32.23 -15.88
N GLU C 107 0.78 -32.16 -15.98
CA GLU C 107 1.58 -31.37 -15.04
C GLU C 107 1.48 -29.88 -15.32
N ASN C 108 0.89 -29.54 -16.46
CA ASN C 108 0.73 -28.15 -16.86
C ASN C 108 -0.72 -27.72 -17.04
N ILE C 109 -1.61 -28.20 -16.17
CA ILE C 109 -3.03 -27.85 -16.24
C ILE C 109 -3.55 -27.36 -14.89
N ILE C 110 -4.27 -26.25 -14.89
CA ILE C 110 -4.86 -25.71 -13.67
C ILE C 110 -6.30 -25.23 -13.94
N TYR C 111 -7.20 -25.54 -13.01
CA TYR C 111 -8.58 -25.10 -13.10
C TYR C 111 -8.76 -23.84 -12.24
N ILE C 112 -9.56 -22.88 -12.69
CA ILE C 112 -9.59 -21.54 -12.09
C ILE C 112 -10.97 -21.05 -11.60
N SER C 113 -12.03 -21.64 -12.12
CA SER C 113 -13.41 -21.22 -11.83
C SER C 113 -13.71 -20.92 -10.36
N PRO C 114 -14.33 -19.77 -10.08
CA PRO C 114 -14.67 -19.24 -8.75
C PRO C 114 -15.75 -20.04 -8.03
N CYS C 115 -16.47 -20.88 -8.78
CA CYS C 115 -17.53 -21.72 -8.21
C CYS C 115 -17.33 -23.15 -8.67
N LYS C 116 -16.87 -24.01 -7.77
CA LYS C 116 -16.57 -25.38 -8.12
C LYS C 116 -17.81 -26.26 -8.02
N GLN C 117 -17.84 -27.33 -8.82
CA GLN C 117 -18.92 -28.30 -8.70
C GLN C 117 -18.39 -29.68 -8.26
N VAL C 118 -19.27 -30.48 -7.66
CA VAL C 118 -18.88 -31.81 -7.19
C VAL C 118 -18.44 -32.70 -8.35
N SER C 119 -19.18 -32.63 -9.45
CA SER C 119 -18.89 -33.42 -10.65
C SER C 119 -17.62 -32.98 -11.35
N GLN C 120 -17.42 -31.67 -11.41
CA GLN C 120 -16.23 -31.10 -12.03
C GLN C 120 -14.96 -31.53 -11.33
N ILE C 121 -14.99 -31.54 -10.00
CA ILE C 121 -13.83 -31.92 -9.21
C ILE C 121 -13.68 -33.44 -9.15
N LYS C 122 -14.80 -34.15 -9.30
CA LYS C 122 -14.76 -35.59 -9.45
C LYS C 122 -14.00 -35.93 -10.74
N TYR C 123 -14.30 -35.16 -11.78
CA TYR C 123 -13.62 -35.31 -13.07
C TYR C 123 -12.14 -34.93 -12.95
N ALA C 124 -11.86 -33.84 -12.24
CA ALA C 124 -10.50 -33.39 -12.02
C ALA C 124 -9.70 -34.47 -11.29
N ALA C 125 -10.36 -35.17 -10.37
CA ALA C 125 -9.75 -36.28 -9.66
C ALA C 125 -9.51 -37.47 -10.59
N LYS C 126 -10.47 -37.70 -11.49
CA LYS C 126 -10.39 -38.83 -12.42
C LYS C 126 -9.32 -38.66 -13.51
N VAL C 127 -9.01 -37.42 -13.85
CA VAL C 127 -8.06 -37.14 -14.93
C VAL C 127 -6.61 -37.08 -14.43
N GLY C 128 -6.44 -37.10 -13.11
CA GLY C 128 -5.12 -37.15 -12.50
C GLY C 128 -4.51 -35.78 -12.28
N VAL C 129 -5.34 -34.75 -12.35
CA VAL C 129 -4.91 -33.39 -12.06
C VAL C 129 -5.11 -33.14 -10.58
N ASN C 130 -4.02 -32.86 -9.86
CA ASN C 130 -4.08 -32.72 -8.41
C ASN C 130 -4.08 -31.27 -7.94
N ILE C 131 -3.60 -30.37 -8.78
CA ILE C 131 -3.53 -28.96 -8.43
C ILE C 131 -4.86 -28.27 -8.74
N LEU C 132 -5.35 -27.52 -7.76
CA LEU C 132 -6.60 -26.78 -7.89
C LEU C 132 -6.72 -25.71 -6.80
N THR C 133 -7.43 -24.63 -7.11
CA THR C 133 -7.61 -23.54 -6.16
C THR C 133 -8.94 -23.63 -5.40
N CYS C 134 -9.04 -22.85 -4.33
CA CYS C 134 -10.22 -22.81 -3.49
C CYS C 134 -10.30 -21.47 -2.75
N ASP C 135 -11.51 -20.94 -2.58
CA ASP C 135 -11.68 -19.62 -1.98
C ASP C 135 -12.72 -19.56 -0.85
N ASN C 136 -13.15 -20.73 -0.37
CA ASN C 136 -14.09 -20.78 0.75
C ASN C 136 -14.10 -22.13 1.47
N GLU C 137 -14.77 -22.17 2.62
CA GLU C 137 -14.76 -23.37 3.47
C GLU C 137 -15.61 -24.52 2.92
N ILE C 138 -16.70 -24.19 2.24
CA ILE C 138 -17.59 -25.21 1.70
C ILE C 138 -16.92 -26.00 0.58
N GLU C 139 -16.33 -25.28 -0.38
CA GLU C 139 -15.62 -25.91 -1.48
C GLU C 139 -14.42 -26.70 -0.99
N LEU C 140 -13.77 -26.21 0.06
CA LEU C 140 -12.67 -26.93 0.69
C LEU C 140 -13.18 -28.23 1.31
N LYS C 141 -14.36 -28.14 1.92
CA LYS C 141 -15.00 -29.28 2.57
C LYS C 141 -15.30 -30.38 1.55
N LYS C 142 -15.88 -30.00 0.42
CA LYS C 142 -16.17 -30.97 -0.63
C LYS C 142 -14.88 -31.47 -1.28
N ILE C 143 -13.85 -30.62 -1.31
CA ILE C 143 -12.54 -31.01 -1.80
C ILE C 143 -12.00 -32.17 -0.97
N ALA C 144 -12.04 -32.01 0.35
CA ALA C 144 -11.59 -33.06 1.25
C ALA C 144 -12.49 -34.29 1.14
N ARG C 145 -13.78 -34.05 0.90
CA ARG C 145 -14.78 -35.11 0.80
C ARG C 145 -14.58 -36.01 -0.42
N ASN C 146 -14.18 -35.42 -1.54
CA ASN C 146 -14.08 -36.15 -2.81
C ASN C 146 -12.66 -36.40 -3.29
N HIS C 147 -11.73 -35.50 -2.96
CA HIS C 147 -10.36 -35.63 -3.44
C HIS C 147 -9.32 -35.52 -2.34
N PRO C 148 -8.95 -36.66 -1.73
CA PRO C 148 -8.02 -36.73 -0.60
C PRO C 148 -6.57 -36.44 -1.01
N ASN C 149 -6.27 -36.57 -2.30
CA ASN C 149 -4.91 -36.36 -2.79
C ASN C 149 -4.77 -35.07 -3.59
N ALA C 150 -5.68 -34.13 -3.34
CA ALA C 150 -5.68 -32.85 -4.06
C ALA C 150 -4.61 -31.88 -3.54
N LYS C 151 -4.06 -31.11 -4.46
CA LYS C 151 -3.12 -30.05 -4.10
C LYS C 151 -3.88 -28.74 -4.09
N VAL C 152 -3.87 -28.06 -2.95
CA VAL C 152 -4.75 -26.91 -2.74
C VAL C 152 -4.04 -25.56 -2.85
N LEU C 153 -4.61 -24.67 -3.64
CA LEU C 153 -4.16 -23.28 -3.71
C LEU C 153 -5.17 -22.38 -3.00
N LEU C 154 -4.68 -21.60 -2.04
CA LEU C 154 -5.56 -20.71 -1.28
C LEU C 154 -5.78 -19.41 -2.04
N HIS C 155 -7.03 -19.05 -2.27
CA HIS C 155 -7.34 -17.83 -3.01
C HIS C 155 -7.62 -16.66 -2.07
N ILE C 156 -6.80 -15.60 -2.16
CA ILE C 156 -6.98 -14.45 -1.28
C ILE C 156 -7.51 -13.25 -2.06
N ALA C 157 -8.02 -12.26 -1.33
CA ALA C 157 -8.60 -11.07 -1.95
C ALA C 157 -7.61 -9.92 -2.13
N THR C 158 -7.96 -8.97 -2.99
CA THR C 158 -7.16 -7.77 -3.22
C THR C 158 -8.04 -6.53 -3.04
N GLU C 159 -7.44 -5.43 -2.62
CA GLU C 159 -8.21 -4.20 -2.40
C GLU C 159 -8.24 -3.31 -3.64
N ASP C 160 -9.13 -3.60 -4.58
CA ASP C 160 -9.22 -2.81 -5.80
C ASP C 160 -10.45 -1.91 -5.80
N MET C 169 -19.46 -9.85 -5.89
CA MET C 169 -18.80 -8.79 -5.14
C MET C 169 -17.30 -8.76 -5.41
N LYS C 170 -16.58 -9.69 -4.77
CA LYS C 170 -15.12 -9.74 -4.92
C LYS C 170 -14.61 -11.16 -4.70
N PHE C 171 -13.49 -11.49 -5.34
CA PHE C 171 -12.87 -12.79 -5.18
C PHE C 171 -11.91 -12.79 -4.00
N GLY C 172 -11.71 -13.96 -3.40
CA GLY C 172 -10.76 -14.11 -2.32
C GLY C 172 -11.31 -14.39 -0.94
N THR C 173 -10.38 -14.54 0.01
CA THR C 173 -10.69 -14.85 1.39
C THR C 173 -9.95 -13.88 2.32
N THR C 174 -10.63 -13.39 3.35
CA THR C 174 -10.00 -12.47 4.30
C THR C 174 -8.96 -13.23 5.14
N LEU C 175 -8.01 -12.49 5.70
CA LEU C 175 -6.90 -13.08 6.44
C LEU C 175 -7.34 -13.96 7.61
N LYS C 176 -8.33 -13.50 8.36
CA LYS C 176 -8.87 -14.28 9.47
C LYS C 176 -9.54 -15.56 8.94
N ASN C 177 -10.37 -15.39 7.92
CA ASN C 177 -11.04 -16.51 7.30
C ASN C 177 -10.04 -17.40 6.54
N CYS C 178 -8.90 -16.82 6.19
CA CYS C 178 -7.80 -17.59 5.62
C CYS C 178 -7.17 -18.46 6.69
N ARG C 179 -7.06 -17.91 7.89
CA ARG C 179 -6.58 -18.66 9.05
C ARG C 179 -7.51 -19.83 9.31
N HIS C 180 -8.81 -19.55 9.31
CA HIS C 180 -9.81 -20.60 9.49
C HIS C 180 -9.70 -21.65 8.37
N LEU C 181 -9.44 -21.19 7.16
CA LEU C 181 -9.29 -22.07 6.01
C LEU C 181 -8.11 -23.03 6.14
N LEU C 182 -6.96 -22.50 6.52
CA LEU C 182 -5.77 -23.34 6.69
C LEU C 182 -5.92 -24.28 7.89
N GLU C 183 -6.63 -23.82 8.92
CA GLU C 183 -6.95 -24.68 10.06
C GLU C 183 -7.81 -25.86 9.63
N CYS C 184 -8.89 -25.58 8.91
CA CYS C 184 -9.78 -26.62 8.42
C CYS C 184 -9.06 -27.57 7.46
N ALA C 185 -8.21 -27.02 6.61
CA ALA C 185 -7.44 -27.81 5.66
C ALA C 185 -6.48 -28.74 6.39
N LYS C 186 -5.90 -28.24 7.48
CA LYS C 186 -5.04 -29.05 8.33
C LYS C 186 -5.84 -30.18 8.99
N GLU C 187 -7.03 -29.83 9.45
CA GLU C 187 -7.93 -30.80 10.07
C GLU C 187 -8.44 -31.85 9.09
N LEU C 188 -8.71 -31.44 7.86
CA LEU C 188 -9.24 -32.34 6.85
C LEU C 188 -8.15 -33.11 6.10
N ASP C 189 -6.93 -33.05 6.64
CA ASP C 189 -5.79 -33.80 6.10
C ASP C 189 -5.57 -33.63 4.59
N VAL C 190 -5.89 -32.46 4.07
CA VAL C 190 -5.65 -32.15 2.66
C VAL C 190 -4.42 -31.27 2.50
N GLN C 191 -3.62 -31.58 1.47
CA GLN C 191 -2.35 -30.89 1.28
C GLN C 191 -2.49 -29.56 0.54
N ILE C 192 -2.13 -28.48 1.24
CA ILE C 192 -2.08 -27.16 0.62
C ILE C 192 -0.67 -26.93 0.09
N ILE C 193 -0.56 -26.39 -1.12
CA ILE C 193 0.75 -26.29 -1.76
C ILE C 193 1.14 -24.85 -2.09
N GLY C 194 0.14 -23.99 -2.29
CA GLY C 194 0.43 -22.61 -2.64
C GLY C 194 -0.72 -21.64 -2.43
N VAL C 195 -0.52 -20.40 -2.89
CA VAL C 195 -1.54 -19.36 -2.70
C VAL C 195 -1.86 -18.67 -4.03
N LYS C 196 -3.13 -18.31 -4.23
CA LYS C 196 -3.59 -17.74 -5.49
C LYS C 196 -4.31 -16.39 -5.29
N PHE C 197 -4.12 -15.46 -6.22
CA PHE C 197 -4.85 -14.20 -6.18
C PHE C 197 -4.92 -13.57 -7.57
N HIS C 198 -5.61 -12.44 -7.67
CA HIS C 198 -5.78 -11.75 -8.95
C HIS C 198 -5.70 -10.23 -8.86
N VAL C 199 -4.89 -9.63 -9.74
CA VAL C 199 -4.80 -8.19 -9.83
C VAL C 199 -5.26 -7.72 -11.21
N SER C 200 -6.45 -7.10 -11.25
CA SER C 200 -7.12 -6.72 -12.49
C SER C 200 -6.27 -5.86 -13.43
N SER C 201 -6.56 -5.93 -14.73
CA SER C 201 -5.84 -5.13 -15.71
C SER C 201 -6.11 -3.64 -15.54
N ALA C 202 -7.36 -3.29 -15.23
CA ALA C 202 -7.78 -1.90 -15.13
C ALA C 202 -7.15 -1.14 -13.97
N CYS C 203 -6.91 -1.84 -12.87
CA CYS C 203 -6.37 -1.20 -11.67
C CYS C 203 -4.95 -0.69 -11.87
N LYS C 204 -4.69 0.51 -11.39
CA LYS C 204 -3.36 1.10 -11.54
C LYS C 204 -2.78 1.48 -10.17
N GLU C 205 -3.60 1.37 -9.13
CA GLU C 205 -3.11 1.66 -7.78
C GLU C 205 -2.17 0.54 -7.36
N SER C 206 -0.87 0.75 -7.59
CA SER C 206 0.14 -0.27 -7.37
C SER C 206 0.27 -0.84 -5.96
N GLN C 207 0.52 0.06 -5.01
CA GLN C 207 0.79 -0.31 -3.62
C GLN C 207 -0.14 -1.36 -3.02
N VAL C 208 -1.41 -1.33 -3.44
CA VAL C 208 -2.37 -2.30 -2.95
C VAL C 208 -1.88 -3.74 -3.03
N TYR C 209 -1.43 -4.15 -4.21
CA TYR C 209 -0.96 -5.54 -4.34
C TYR C 209 0.15 -5.84 -3.34
N VAL C 210 1.06 -4.89 -3.13
CA VAL C 210 2.12 -5.10 -2.15
C VAL C 210 1.51 -5.44 -0.81
N HIS C 211 0.58 -4.61 -0.36
CA HIS C 211 -0.14 -4.87 0.88
C HIS C 211 -0.70 -6.29 0.86
N ALA C 212 -1.40 -6.61 -0.22
CA ALA C 212 -1.99 -7.93 -0.36
C ALA C 212 -0.94 -9.02 -0.20
N LEU C 213 0.17 -8.91 -0.92
CA LEU C 213 1.20 -9.93 -0.83
C LEU C 213 1.76 -10.00 0.59
N SER C 214 1.85 -8.84 1.25
CA SER C 214 2.30 -8.81 2.62
C SER C 214 1.35 -9.62 3.48
N ASP C 215 0.05 -9.44 3.27
CA ASP C 215 -0.94 -10.21 4.00
C ASP C 215 -0.70 -11.68 3.71
N ALA C 216 -0.46 -11.97 2.43
CA ALA C 216 -0.17 -13.31 1.96
C ALA C 216 1.09 -13.82 2.64
N ARG C 217 2.05 -12.91 2.84
CA ARG C 217 3.30 -13.29 3.47
C ARG C 217 3.04 -13.87 4.85
N CYS C 218 2.06 -13.33 5.57
CA CYS C 218 1.72 -13.89 6.86
C CYS C 218 1.44 -15.40 6.75
N VAL C 219 0.53 -15.77 5.85
CA VAL C 219 0.23 -17.19 5.68
C VAL C 219 1.49 -17.91 5.19
N PHE C 220 2.24 -17.25 4.31
CA PHE C 220 3.46 -17.81 3.75
C PHE C 220 4.40 -18.24 4.86
N ASP C 221 4.36 -17.52 5.97
CA ASP C 221 5.14 -17.92 7.13
C ASP C 221 4.42 -19.01 7.93
N MET C 222 3.18 -18.72 8.32
CA MET C 222 2.47 -19.53 9.30
C MET C 222 2.20 -20.97 8.84
N ALA C 223 1.71 -21.13 7.62
CA ALA C 223 1.53 -22.47 7.08
C ALA C 223 2.88 -23.18 7.00
N GLY C 224 3.93 -22.42 6.66
CA GLY C 224 5.28 -22.96 6.64
C GLY C 224 5.69 -23.42 8.02
N GLU C 225 5.15 -22.74 9.03
CA GLU C 225 5.38 -23.06 10.43
C GLU C 225 4.56 -24.27 10.85
N ILE C 226 3.44 -24.50 10.16
CA ILE C 226 2.56 -25.61 10.51
C ILE C 226 3.06 -26.93 9.94
N GLY C 227 3.97 -26.84 8.98
CA GLY C 227 4.65 -28.01 8.44
C GLY C 227 4.21 -28.45 7.07
N PHE C 228 3.62 -27.55 6.30
CA PHE C 228 3.23 -27.88 4.94
C PHE C 228 4.20 -27.26 3.93
N THR C 229 4.39 -27.90 2.79
CA THR C 229 5.35 -27.39 1.83
C THR C 229 4.71 -26.39 0.87
N MET C 230 5.25 -25.18 0.83
CA MET C 230 4.72 -24.14 -0.06
C MET C 230 5.73 -23.85 -1.17
N ASN C 231 5.28 -23.86 -2.41
CA ASN C 231 6.20 -23.61 -3.53
C ASN C 231 5.60 -22.85 -4.72
N MET C 232 4.35 -22.41 -4.61
CA MET C 232 3.71 -21.74 -5.75
C MET C 232 2.80 -20.57 -5.39
N LEU C 233 2.96 -19.49 -6.16
CA LEU C 233 2.17 -18.28 -6.04
C LEU C 233 1.52 -17.92 -7.38
N ASP C 234 0.19 -17.79 -7.37
CA ASP C 234 -0.54 -17.37 -8.55
C ASP C 234 -0.88 -15.89 -8.40
N ILE C 235 -0.61 -15.12 -9.45
CA ILE C 235 -0.74 -13.67 -9.39
C ILE C 235 -1.90 -13.13 -10.21
N GLY C 236 -2.60 -14.02 -10.91
CA GLY C 236 -3.77 -13.62 -11.68
C GLY C 236 -3.48 -13.47 -13.16
N GLY C 237 -4.38 -12.81 -13.87
CA GLY C 237 -4.25 -12.63 -15.30
C GLY C 237 -4.58 -11.23 -15.78
N GLY C 238 -4.39 -10.26 -14.90
CA GLY C 238 -4.68 -8.88 -15.22
C GLY C 238 -3.60 -8.21 -16.04
N PHE C 239 -3.57 -8.50 -17.34
CA PHE C 239 -2.62 -7.89 -18.24
C PHE C 239 -3.34 -7.35 -19.48
N THR C 240 -2.98 -6.14 -19.90
CA THR C 240 -3.62 -5.52 -21.05
C THR C 240 -3.09 -6.07 -22.36
N GLY C 241 -1.77 -6.21 -22.45
CA GLY C 241 -1.14 -6.69 -23.67
C GLY C 241 -0.05 -5.75 -24.13
N THR C 242 -0.15 -4.48 -23.73
CA THR C 242 0.83 -3.47 -24.11
C THR C 242 2.13 -3.63 -23.33
N GLU C 243 3.20 -3.05 -23.87
CA GLU C 243 4.53 -3.19 -23.27
C GLU C 243 4.70 -2.44 -21.94
N PHE C 244 4.23 -1.19 -21.89
CA PHE C 244 4.46 -0.37 -20.71
C PHE C 244 3.74 -0.89 -19.46
N GLN C 245 2.59 -1.53 -19.67
CA GLN C 245 1.83 -2.12 -18.57
C GLN C 245 2.63 -3.22 -17.88
N LEU C 246 3.04 -4.21 -18.66
CA LEU C 246 3.83 -5.30 -18.13
C LEU C 246 5.19 -4.82 -17.62
N GLU C 247 5.70 -3.74 -18.22
CA GLU C 247 6.98 -3.20 -17.79
C GLU C 247 6.92 -2.55 -16.42
N GLU C 248 5.87 -1.79 -16.14
CA GLU C 248 5.72 -1.22 -14.80
C GLU C 248 5.34 -2.30 -13.79
N VAL C 249 4.46 -3.22 -14.22
CA VAL C 249 4.05 -4.35 -13.39
C VAL C 249 5.26 -5.15 -12.91
N ASN C 250 6.15 -5.49 -13.83
CA ASN C 250 7.37 -6.21 -13.45
C ASN C 250 8.35 -5.31 -12.71
N HIS C 251 8.37 -4.02 -13.06
CA HIS C 251 9.25 -3.07 -12.40
C HIS C 251 8.92 -2.94 -10.91
N VAL C 252 7.68 -3.26 -10.54
CA VAL C 252 7.30 -3.25 -9.14
C VAL C 252 7.31 -4.64 -8.50
N ILE C 253 6.83 -5.64 -9.24
CA ILE C 253 6.65 -6.99 -8.70
C ILE C 253 7.97 -7.79 -8.63
N SER C 254 8.81 -7.66 -9.66
CA SER C 254 10.07 -8.41 -9.72
C SER C 254 11.00 -8.11 -8.53
N PRO C 255 11.13 -6.82 -8.13
CA PRO C 255 11.93 -6.50 -6.95
C PRO C 255 11.37 -7.15 -5.69
N LEU C 256 10.06 -7.36 -5.64
CA LEU C 256 9.42 -7.90 -4.46
C LEU C 256 9.51 -9.42 -4.38
N LEU C 257 9.59 -10.08 -5.53
CA LEU C 257 9.64 -11.54 -5.56
C LEU C 257 11.03 -12.03 -5.14
N ASP C 258 12.06 -11.31 -5.59
CA ASP C 258 13.45 -11.71 -5.36
C ASP C 258 13.90 -11.60 -3.91
N ILE C 259 13.22 -10.77 -3.11
CA ILE C 259 13.61 -10.59 -1.72
C ILE C 259 12.93 -11.60 -0.81
N TYR C 260 11.79 -12.11 -1.28
CA TYR C 260 11.00 -13.07 -0.52
C TYR C 260 11.17 -14.50 -1.03
N PHE C 261 11.58 -14.64 -2.29
CA PHE C 261 11.89 -15.93 -2.88
C PHE C 261 13.00 -15.89 -3.92
N PRO C 262 14.26 -16.01 -3.47
CA PRO C 262 15.37 -16.00 -4.43
C PRO C 262 15.48 -17.35 -5.13
N GLU C 263 16.18 -17.37 -6.26
CA GLU C 263 16.40 -18.58 -7.04
C GLU C 263 17.20 -19.62 -6.27
N GLY C 264 16.66 -20.83 -6.16
CA GLY C 264 17.32 -21.89 -5.42
C GLY C 264 16.60 -22.23 -4.13
N SER C 265 15.52 -21.52 -3.84
CA SER C 265 14.73 -21.76 -2.64
C SER C 265 13.68 -22.85 -2.83
N GLY C 266 13.57 -23.39 -4.05
CA GLY C 266 12.61 -24.44 -4.33
C GLY C 266 11.28 -23.81 -4.67
N VAL C 267 11.33 -22.64 -5.29
CA VAL C 267 10.14 -21.90 -5.66
C VAL C 267 9.74 -22.02 -7.14
N LYS C 268 8.47 -22.35 -7.37
CA LYS C 268 7.93 -22.35 -8.71
C LYS C 268 6.74 -21.39 -8.82
N ILE C 269 7.03 -20.19 -9.30
CA ILE C 269 6.03 -19.13 -9.39
C ILE C 269 5.16 -19.29 -10.63
N ILE C 270 3.86 -19.06 -10.50
CA ILE C 270 2.93 -19.28 -11.60
C ILE C 270 2.07 -18.05 -11.92
N SER C 271 1.81 -17.85 -13.21
CA SER C 271 0.93 -16.78 -13.65
C SER C 271 -0.13 -17.31 -14.61
N GLU C 272 -1.19 -16.55 -14.81
CA GLU C 272 -2.28 -16.97 -15.69
C GLU C 272 -2.76 -15.88 -16.65
N PRO C 273 -1.91 -15.50 -17.62
CA PRO C 273 -2.28 -14.45 -18.57
C PRO C 273 -3.46 -14.88 -19.44
N GLY C 274 -4.41 -13.98 -19.66
CA GLY C 274 -5.59 -14.27 -20.47
C GLY C 274 -5.83 -13.24 -21.55
N SER C 275 -6.22 -12.04 -21.15
CA SER C 275 -6.43 -10.94 -22.08
C SER C 275 -5.14 -10.57 -22.80
N TYR C 276 -4.02 -10.74 -22.10
CA TYR C 276 -2.71 -10.35 -22.60
C TYR C 276 -2.40 -10.85 -24.02
N TYR C 277 -2.55 -12.16 -24.22
CA TYR C 277 -2.13 -12.77 -25.47
C TYR C 277 -3.12 -12.59 -26.63
N VAL C 278 -4.40 -12.45 -26.33
CA VAL C 278 -5.42 -12.54 -27.39
C VAL C 278 -6.30 -11.30 -27.59
N SER C 279 -6.48 -10.50 -26.55
CA SER C 279 -7.41 -9.36 -26.61
C SER C 279 -7.23 -8.48 -27.83
N SER C 280 -6.02 -7.92 -27.96
CA SER C 280 -5.69 -7.04 -29.07
C SER C 280 -5.17 -7.82 -30.28
N ALA C 281 -5.14 -9.15 -30.16
CA ALA C 281 -4.61 -9.99 -31.22
C ALA C 281 -5.61 -10.29 -32.35
N PHE C 282 -6.89 -10.09 -32.06
CA PHE C 282 -7.94 -10.41 -33.04
C PHE C 282 -8.66 -9.17 -33.55
N THR C 283 -9.07 -9.22 -34.81
CA THR C 283 -9.77 -8.11 -35.44
C THR C 283 -11.03 -8.62 -36.14
N LEU C 284 -12.14 -7.91 -35.95
CA LEU C 284 -13.42 -8.34 -36.51
C LEU C 284 -13.89 -7.39 -37.62
N ALA C 285 -14.23 -7.98 -38.76
CA ALA C 285 -14.81 -7.24 -39.87
C ALA C 285 -16.30 -7.53 -40.00
N VAL C 286 -17.12 -6.49 -39.91
CA VAL C 286 -18.57 -6.66 -39.89
C VAL C 286 -19.20 -5.96 -41.09
N ASN C 287 -20.37 -6.42 -41.50
CA ASN C 287 -21.10 -5.80 -42.61
C ASN C 287 -22.38 -5.13 -42.12
N ILE C 288 -22.81 -4.08 -42.81
CA ILE C 288 -24.04 -3.39 -42.44
C ILE C 288 -25.22 -3.92 -43.25
N ILE C 289 -26.34 -4.14 -42.58
CA ILE C 289 -27.53 -4.67 -43.26
C ILE C 289 -28.74 -3.75 -43.17
N ALA C 290 -28.78 -2.85 -42.19
CA ALA C 290 -29.94 -1.95 -42.12
C ALA C 290 -29.61 -0.52 -41.70
N LYS C 291 -30.56 0.37 -41.98
CA LYS C 291 -30.41 1.80 -41.76
C LYS C 291 -31.75 2.50 -41.53
N LYS C 292 -31.76 3.47 -40.61
CA LYS C 292 -32.96 4.22 -40.29
C LYS C 292 -32.61 5.67 -39.98
N VAL C 293 -33.39 6.60 -40.55
CA VAL C 293 -33.14 8.02 -40.33
C VAL C 293 -34.21 8.63 -39.40
N VAL C 294 -33.77 9.17 -38.27
CA VAL C 294 -34.69 9.80 -37.33
C VAL C 294 -34.63 11.31 -37.44
N ALA C 312 -29.31 12.56 -37.33
CA ALA C 312 -28.98 11.35 -36.59
C ALA C 312 -29.61 10.13 -37.25
N PHE C 313 -28.87 9.02 -37.26
CA PHE C 313 -29.36 7.77 -37.83
C PHE C 313 -29.03 6.59 -36.92
N MET C 314 -29.79 5.51 -37.10
CA MET C 314 -29.57 4.26 -36.38
C MET C 314 -29.38 3.10 -37.35
N TYR C 315 -28.36 2.28 -37.11
CA TYR C 315 -28.03 1.21 -38.05
C TYR C 315 -27.93 -0.19 -37.42
N TYR C 316 -28.44 -1.16 -38.17
CA TYR C 316 -28.47 -2.54 -37.67
C TYR C 316 -27.47 -3.43 -38.41
N MET C 317 -26.62 -4.09 -37.63
CA MET C 317 -25.64 -5.04 -38.14
C MET C 317 -26.18 -6.47 -38.14
N ASN C 318 -25.34 -7.42 -38.56
CA ASN C 318 -25.72 -8.83 -38.54
C ASN C 318 -25.22 -9.56 -37.30
N ASP C 319 -24.67 -8.81 -36.35
CA ASP C 319 -24.17 -9.40 -35.11
C ASP C 319 -24.32 -8.38 -33.97
N GLY C 320 -24.05 -8.81 -32.74
CA GLY C 320 -24.20 -7.94 -31.59
C GLY C 320 -23.75 -8.54 -30.28
N VAL C 321 -24.33 -8.03 -29.19
CA VAL C 321 -23.96 -8.45 -27.84
C VAL C 321 -24.20 -9.93 -27.60
N TYR C 322 -25.23 -10.47 -28.25
CA TYR C 322 -25.60 -11.88 -28.06
C TYR C 322 -24.59 -12.84 -28.69
N GLY C 323 -23.49 -12.30 -29.23
CA GLY C 323 -22.48 -13.13 -29.85
C GLY C 323 -21.06 -12.79 -29.45
N SER C 324 -20.35 -12.12 -30.35
CA SER C 324 -18.94 -11.82 -30.15
C SER C 324 -18.68 -10.49 -29.44
N PHE C 325 -19.73 -9.91 -28.84
CA PHE C 325 -19.59 -8.60 -28.21
C PHE C 325 -20.01 -8.57 -26.74
N ALA C 326 -19.65 -9.60 -25.99
CA ALA C 326 -19.89 -9.61 -24.56
C ALA C 326 -18.89 -8.72 -23.84
N SER C 327 -17.71 -8.56 -24.45
CA SER C 327 -16.63 -7.79 -23.85
C SER C 327 -16.93 -6.30 -23.67
N LYS C 328 -17.98 -5.83 -24.36
CA LYS C 328 -18.38 -4.44 -24.25
C LYS C 328 -18.94 -4.14 -22.86
N LEU C 329 -19.45 -5.16 -22.20
CA LEU C 329 -20.01 -5.02 -20.85
C LEU C 329 -18.92 -4.64 -19.86
N SER C 330 -17.69 -5.05 -20.12
CA SER C 330 -16.55 -4.72 -19.26
C SER C 330 -15.56 -3.83 -19.98
N THR C 335 -11.70 -1.61 -30.10
CA THR C 335 -12.68 -0.86 -29.31
C THR C 335 -13.15 0.36 -30.10
N ILE C 336 -12.51 0.61 -31.24
CA ILE C 336 -12.87 1.74 -32.09
C ILE C 336 -13.15 1.29 -33.53
N PRO C 337 -14.24 1.81 -34.11
CA PRO C 337 -14.63 1.44 -35.48
C PRO C 337 -13.90 2.23 -36.55
N GLU C 338 -13.57 1.57 -37.66
CA GLU C 338 -12.95 2.23 -38.80
C GLU C 338 -13.69 1.92 -40.09
N VAL C 339 -13.73 2.90 -41.00
CA VAL C 339 -14.46 2.75 -42.25
C VAL C 339 -13.64 2.00 -43.29
N HIS C 340 -14.29 1.09 -44.02
CA HIS C 340 -13.62 0.30 -45.05
C HIS C 340 -13.36 1.09 -46.33
N LYS C 341 -14.40 1.73 -46.84
CA LYS C 341 -14.31 2.48 -48.09
C LYS C 341 -13.44 3.73 -47.96
N LYS C 342 -13.15 4.36 -49.10
CA LYS C 342 -12.33 5.56 -49.12
C LYS C 342 -13.11 6.79 -48.66
N PRO C 348 -17.93 14.58 -44.37
CA PRO C 348 -19.28 14.47 -43.82
C PRO C 348 -19.40 13.37 -42.78
N LEU C 349 -19.21 13.72 -41.51
CA LEU C 349 -19.26 12.76 -40.42
C LEU C 349 -20.52 12.97 -39.58
N PHE C 350 -21.17 11.88 -39.19
CA PHE C 350 -22.37 11.97 -38.37
C PHE C 350 -22.29 11.13 -37.10
N THR C 351 -22.99 11.57 -36.05
CA THR C 351 -23.06 10.82 -34.80
C THR C 351 -24.13 9.74 -34.92
N SER C 352 -23.86 8.56 -34.36
CA SER C 352 -24.82 7.47 -34.47
C SER C 352 -24.76 6.45 -33.35
N SER C 353 -25.82 5.65 -33.24
CA SER C 353 -25.92 4.58 -32.24
C SER C 353 -25.95 3.24 -32.96
N LEU C 354 -25.39 2.22 -32.33
CA LEU C 354 -25.23 0.91 -32.95
C LEU C 354 -26.20 -0.15 -32.45
N TRP C 355 -26.87 -0.84 -33.37
CA TRP C 355 -27.75 -1.94 -32.98
C TRP C 355 -27.46 -3.20 -33.80
N GLY C 356 -27.82 -4.34 -33.24
CA GLY C 356 -27.62 -5.61 -33.91
C GLY C 356 -28.84 -6.07 -34.68
N PRO C 357 -28.86 -7.35 -35.07
CA PRO C 357 -29.96 -7.91 -35.85
C PRO C 357 -31.11 -8.42 -34.99
N SER C 358 -30.90 -8.50 -33.68
CA SER C 358 -31.94 -8.98 -32.78
C SER C 358 -33.03 -7.94 -32.55
N CYS C 359 -32.67 -6.67 -32.75
CA CYS C 359 -33.61 -5.55 -32.68
C CYS C 359 -34.23 -5.32 -31.29
N ASP C 360 -33.89 -6.16 -30.32
CA ASP C 360 -34.43 -6.04 -28.98
C ASP C 360 -33.77 -4.92 -28.18
N GLU C 361 -34.36 -4.59 -27.03
CA GLU C 361 -33.95 -3.44 -26.24
C GLU C 361 -32.56 -3.58 -25.62
N LEU C 362 -32.07 -4.81 -25.50
CA LEU C 362 -30.79 -5.05 -24.83
C LEU C 362 -29.62 -4.99 -25.80
N ASP C 363 -29.92 -4.85 -27.08
CA ASP C 363 -28.88 -4.95 -28.11
C ASP C 363 -28.18 -3.63 -28.42
N GLN C 364 -27.96 -2.80 -27.41
CA GLN C 364 -27.16 -1.60 -27.62
C GLN C 364 -25.68 -1.94 -27.48
N ILE C 365 -24.90 -1.61 -28.51
CA ILE C 365 -23.47 -1.93 -28.49
C ILE C 365 -22.59 -0.72 -28.24
N VAL C 366 -22.78 0.32 -29.05
CA VAL C 366 -22.05 1.58 -28.86
C VAL C 366 -22.99 2.78 -28.76
N GLU C 367 -22.83 3.58 -27.71
CA GLU C 367 -23.73 4.70 -27.46
C GLU C 367 -23.62 5.81 -28.50
N SER C 368 -22.39 6.07 -28.97
CA SER C 368 -22.17 7.13 -29.94
C SER C 368 -20.89 6.93 -30.74
N CYS C 369 -20.98 7.03 -32.06
CA CYS C 369 -19.80 6.95 -32.90
C CYS C 369 -19.87 7.95 -34.05
N LEU C 370 -18.75 8.16 -34.73
CA LEU C 370 -18.70 9.09 -35.86
C LEU C 370 -18.33 8.39 -37.16
N LEU C 371 -19.24 8.40 -38.12
CA LEU C 371 -19.01 7.75 -39.40
C LEU C 371 -19.80 8.44 -40.52
N PRO C 372 -19.27 8.40 -41.75
CA PRO C 372 -19.96 8.96 -42.92
C PRO C 372 -21.18 8.14 -43.35
N GLU C 373 -22.09 8.78 -44.07
CA GLU C 373 -23.31 8.15 -44.57
C GLU C 373 -23.02 6.85 -45.33
N LEU C 374 -23.74 5.80 -44.98
CA LEU C 374 -23.52 4.48 -45.57
C LEU C 374 -24.80 3.83 -46.09
N ASN C 375 -24.62 2.81 -46.91
CA ASN C 375 -25.73 2.03 -47.46
C ASN C 375 -25.50 0.55 -47.21
N VAL C 376 -26.51 -0.27 -47.51
CA VAL C 376 -26.40 -1.71 -47.30
C VAL C 376 -25.31 -2.32 -48.17
N GLY C 377 -24.42 -3.09 -47.52
CA GLY C 377 -23.33 -3.74 -48.21
C GLY C 377 -21.96 -3.18 -47.86
N ASP C 378 -21.92 -2.17 -47.00
CA ASP C 378 -20.65 -1.59 -46.58
C ASP C 378 -20.03 -2.34 -45.41
N TRP C 379 -18.74 -2.12 -45.18
CA TRP C 379 -18.00 -2.82 -44.14
C TRP C 379 -17.46 -1.91 -43.04
N LEU C 380 -17.33 -2.46 -41.84
CA LEU C 380 -16.81 -1.74 -40.69
C LEU C 380 -15.75 -2.60 -39.99
N ILE C 381 -14.68 -1.95 -39.54
CA ILE C 381 -13.56 -2.66 -38.92
C ILE C 381 -13.48 -2.40 -37.42
N PHE C 382 -13.36 -3.47 -36.64
CA PHE C 382 -13.27 -3.38 -35.19
C PHE C 382 -11.97 -4.03 -34.72
N ASP C 383 -11.09 -3.24 -34.11
CA ASP C 383 -9.84 -3.76 -33.58
C ASP C 383 -10.00 -4.24 -32.14
N ASN C 384 -9.05 -5.06 -31.69
CA ASN C 384 -9.08 -5.61 -30.33
C ASN C 384 -10.35 -6.40 -30.04
N MET C 385 -10.54 -7.49 -30.79
CA MET C 385 -11.73 -8.33 -30.66
C MET C 385 -11.39 -9.77 -30.30
N GLY C 386 -10.43 -9.95 -29.40
CA GLY C 386 -10.01 -11.28 -28.99
C GLY C 386 -10.57 -11.68 -27.63
N ALA C 387 -10.87 -10.68 -26.80
CA ALA C 387 -11.34 -10.93 -25.45
C ALA C 387 -12.82 -11.30 -25.41
N ASP C 388 -13.10 -12.56 -25.09
CA ASP C 388 -14.47 -13.06 -24.96
C ASP C 388 -15.33 -12.76 -26.19
N SER C 389 -14.80 -13.06 -27.36
CA SER C 389 -15.49 -12.84 -28.62
C SER C 389 -15.90 -14.16 -29.25
N PHE C 390 -15.40 -15.26 -28.68
CA PHE C 390 -15.68 -16.59 -29.20
C PHE C 390 -16.79 -17.30 -28.43
N HIS C 391 -17.89 -17.62 -29.11
CA HIS C 391 -18.94 -18.40 -28.49
C HIS C 391 -19.26 -19.62 -29.34
N GLU C 392 -19.95 -20.60 -28.75
CA GLU C 392 -20.27 -21.84 -29.43
C GLU C 392 -21.49 -21.69 -30.34
N PRO C 393 -21.45 -22.30 -31.52
CA PRO C 393 -22.62 -22.19 -32.40
C PRO C 393 -23.79 -22.99 -31.85
N SER C 394 -24.95 -22.34 -31.67
CA SER C 394 -26.13 -23.02 -31.15
C SER C 394 -27.36 -22.16 -31.36
N ALA C 395 -28.46 -22.54 -30.71
CA ALA C 395 -29.68 -21.76 -30.76
C ALA C 395 -29.50 -20.44 -30.00
N PHE C 396 -28.44 -20.36 -29.20
CA PHE C 396 -28.15 -19.17 -28.42
C PHE C 396 -27.84 -17.97 -29.29
N ASN C 397 -27.18 -18.22 -30.42
CA ASN C 397 -26.86 -17.17 -31.38
C ASN C 397 -27.24 -17.55 -32.80
N ASP C 398 -28.29 -18.35 -32.92
CA ASP C 398 -28.84 -18.79 -34.19
C ASP C 398 -27.80 -19.53 -35.06
N PHE C 399 -27.03 -20.41 -34.43
CA PHE C 399 -26.03 -21.26 -35.09
C PHE C 399 -25.10 -20.52 -36.07
N GLN C 400 -24.84 -19.24 -35.79
CA GLN C 400 -24.02 -18.44 -36.69
C GLN C 400 -22.69 -18.00 -36.06
N ARG C 401 -21.58 -18.40 -36.67
CA ARG C 401 -20.27 -17.97 -36.22
C ARG C 401 -19.41 -17.47 -37.39
N PRO C 402 -18.67 -16.38 -37.17
CA PRO C 402 -17.78 -15.79 -38.18
C PRO C 402 -16.68 -16.75 -38.59
N ALA C 403 -16.13 -16.57 -39.79
CA ALA C 403 -15.06 -17.43 -40.29
C ALA C 403 -13.76 -17.25 -39.52
N ILE C 404 -12.89 -18.25 -39.59
CA ILE C 404 -11.61 -18.24 -38.89
C ILE C 404 -10.42 -18.10 -39.84
N TYR C 405 -9.78 -16.93 -39.80
CA TYR C 405 -8.60 -16.67 -40.62
C TYR C 405 -7.38 -16.36 -39.75
N TYR C 406 -6.23 -16.91 -40.15
CA TYR C 406 -5.01 -16.74 -39.37
C TYR C 406 -3.88 -16.14 -40.22
N MET C 407 -3.05 -15.34 -39.57
CA MET C 407 -1.95 -14.64 -40.24
C MET C 407 -0.60 -14.93 -39.58
N MET C 408 0.46 -14.99 -40.40
CA MET C 408 1.80 -15.25 -39.90
C MET C 408 2.86 -14.51 -40.71
N SER C 409 3.85 -13.97 -40.01
CA SER C 409 4.94 -13.23 -40.65
C SER C 409 6.19 -14.11 -40.78
N PHE C 410 7.01 -13.79 -41.78
CA PHE C 410 8.26 -14.52 -42.01
C PHE C 410 9.19 -14.41 -40.80
N SER C 411 9.23 -13.21 -40.23
CA SER C 411 10.06 -12.92 -39.07
C SER C 411 9.68 -13.82 -37.89
N ASP C 412 8.39 -13.91 -37.62
CA ASP C 412 7.88 -14.76 -36.56
C ASP C 412 8.10 -16.24 -36.88
N TRP C 413 8.12 -16.56 -38.17
CA TRP C 413 8.36 -17.92 -38.63
C TRP C 413 9.79 -18.36 -38.29
N TYR C 414 10.77 -17.53 -38.66
CA TYR C 414 12.16 -17.80 -38.32
C TYR C 414 12.37 -17.69 -36.81
N GLU C 415 11.52 -16.90 -36.17
CA GLU C 415 11.53 -16.72 -34.72
C GLU C 415 11.04 -18.00 -34.05
N MET C 416 10.26 -18.78 -34.78
CA MET C 416 9.78 -20.07 -34.29
C MET C 416 10.78 -21.17 -34.62
N GLN C 417 11.47 -21.04 -35.75
CA GLN C 417 12.47 -22.04 -36.12
C GLN C 417 13.61 -22.05 -35.10
N ASP C 418 13.96 -20.85 -34.61
CA ASP C 418 15.04 -20.71 -33.66
C ASP C 418 14.60 -21.10 -32.24
N ALA C 419 13.29 -21.19 -32.04
CA ALA C 419 12.75 -21.53 -30.73
C ALA C 419 12.65 -23.03 -30.51
N GLY C 420 12.94 -23.81 -31.55
CA GLY C 420 12.92 -25.26 -31.46
C GLY C 420 11.50 -25.80 -31.35
N ILE C 421 10.56 -25.08 -31.97
CA ILE C 421 9.14 -25.45 -31.88
C ILE C 421 8.66 -26.28 -33.07
N THR C 422 9.11 -25.93 -34.27
CA THR C 422 8.62 -26.55 -35.50
C THR C 422 8.91 -28.06 -35.63
N SER C 423 9.72 -28.60 -34.73
CA SER C 423 10.16 -29.98 -34.87
C SER C 423 9.46 -30.97 -33.92
N ASP C 424 8.65 -30.46 -33.00
CA ASP C 424 8.00 -31.33 -32.01
C ASP C 424 6.70 -31.97 -32.49
N SER C 425 6.28 -33.03 -31.79
CA SER C 425 5.14 -33.84 -32.18
C SER C 425 3.80 -33.14 -31.95
N MET C 426 3.79 -32.21 -30.99
CA MET C 426 2.57 -31.55 -30.53
C MET C 426 1.88 -30.68 -31.58
N MET C 427 2.49 -30.56 -32.75
CA MET C 427 1.97 -29.68 -33.79
C MET C 427 1.54 -30.40 -35.07
N LYS C 428 1.01 -31.61 -34.93
CA LYS C 428 0.53 -32.36 -36.09
C LYS C 428 -0.61 -31.67 -36.83
N ASN C 429 -1.15 -30.59 -36.26
CA ASN C 429 -2.29 -29.91 -36.84
C ASN C 429 -1.99 -28.80 -37.87
N PHE C 430 -0.80 -28.22 -37.84
CA PHE C 430 -0.54 -27.06 -38.71
C PHE C 430 -0.60 -27.35 -40.22
N PHE C 431 -1.16 -26.39 -40.95
CA PHE C 431 -1.19 -26.40 -42.41
C PHE C 431 -1.01 -24.96 -42.86
N PHE C 432 0.18 -24.62 -43.33
CA PHE C 432 0.50 -23.23 -43.65
C PHE C 432 0.91 -23.01 -45.11
N VAL C 433 0.39 -21.94 -45.70
CA VAL C 433 0.66 -21.56 -47.08
C VAL C 433 0.05 -20.22 -47.40
N ALA D 17 -23.95 -15.79 10.69
CA ALA D 17 -24.36 -15.06 9.50
C ALA D 17 -25.87 -14.95 9.41
N LYS D 18 -26.35 -13.93 8.71
CA LYS D 18 -27.77 -13.70 8.55
C LYS D 18 -28.35 -14.53 7.40
N ARG D 19 -29.51 -15.13 7.63
CA ARG D 19 -30.19 -15.93 6.63
C ARG D 19 -30.64 -15.08 5.45
N ILE D 20 -30.37 -15.57 4.24
CA ILE D 20 -30.67 -14.82 3.02
C ILE D 20 -31.59 -15.62 2.10
N ASN D 21 -32.69 -14.99 1.70
CA ASN D 21 -33.69 -15.60 0.84
C ASN D 21 -33.60 -15.19 -0.63
N TRP D 22 -33.50 -16.18 -1.51
CA TRP D 22 -33.46 -15.92 -2.95
C TRP D 22 -34.58 -16.68 -3.64
N ARG D 23 -35.27 -16.00 -4.56
CA ARG D 23 -36.37 -16.61 -5.31
C ARG D 23 -35.91 -17.44 -6.50
N THR D 24 -36.29 -18.71 -6.51
CA THR D 24 -35.91 -19.62 -7.59
C THR D 24 -37.04 -20.58 -7.94
N VAL D 25 -37.31 -20.71 -9.24
CA VAL D 25 -38.37 -21.59 -9.71
C VAL D 25 -37.81 -22.51 -10.80
N LEU D 26 -38.08 -23.81 -10.69
CA LEU D 26 -37.54 -24.79 -11.62
C LEU D 26 -38.64 -25.26 -12.57
N SER D 27 -38.35 -25.27 -13.86
CA SER D 27 -39.31 -25.72 -14.87
C SER D 27 -38.60 -26.29 -16.09
N GLY D 28 -39.13 -27.40 -16.59
CA GLY D 28 -38.60 -28.07 -17.76
C GLY D 28 -37.20 -28.59 -17.53
N GLY D 29 -36.91 -28.94 -16.29
CA GLY D 29 -35.62 -29.47 -15.89
C GLY D 29 -34.52 -28.42 -15.85
N SER D 30 -34.90 -27.16 -16.02
CA SER D 30 -33.95 -26.06 -15.98
C SER D 30 -34.42 -25.02 -14.97
N LEU D 31 -33.56 -24.65 -14.04
CA LEU D 31 -33.97 -23.75 -12.96
C LEU D 31 -33.71 -22.29 -13.28
N TYR D 32 -34.66 -21.43 -12.96
CA TYR D 32 -34.56 -19.99 -13.20
C TYR D 32 -34.54 -19.25 -11.88
N ILE D 33 -33.55 -18.37 -11.70
CA ILE D 33 -33.46 -17.57 -10.48
C ILE D 33 -33.76 -16.08 -10.70
N GLU D 34 -34.71 -15.58 -9.92
CA GLU D 34 -35.09 -14.18 -9.95
C GLU D 34 -34.53 -13.45 -8.73
N ILE D 35 -33.61 -12.51 -8.99
CA ILE D 35 -32.97 -11.76 -7.93
C ILE D 35 -33.75 -10.49 -7.60
N PRO D 36 -33.99 -10.25 -6.30
CA PRO D 36 -34.71 -9.08 -5.79
C PRO D 36 -33.88 -7.81 -5.94
N GLY D 37 -34.57 -6.67 -6.00
CA GLY D 37 -33.92 -5.38 -6.15
C GLY D 37 -32.98 -4.94 -5.05
N GLY D 38 -32.05 -4.07 -5.42
CA GLY D 38 -31.08 -3.55 -4.48
C GLY D 38 -29.78 -4.31 -4.63
N ALA D 39 -28.78 -3.92 -3.84
CA ALA D 39 -27.48 -4.57 -3.89
C ALA D 39 -27.57 -5.93 -3.23
N LEU D 40 -26.52 -6.73 -3.35
CA LEU D 40 -26.52 -8.06 -2.75
C LEU D 40 -25.84 -8.04 -1.39
N PRO D 41 -26.28 -8.93 -0.48
CA PRO D 41 -25.64 -9.07 0.82
C PRO D 41 -24.39 -9.95 0.75
N GLU D 42 -23.55 -9.85 1.77
CA GLU D 42 -22.31 -10.63 1.83
C GLU D 42 -22.61 -12.09 2.14
N GLY D 43 -21.70 -12.98 1.78
CA GLY D 43 -21.89 -14.41 1.97
C GLY D 43 -22.81 -15.00 0.93
N SER D 44 -23.08 -14.24 -0.13
CA SER D 44 -23.94 -14.68 -1.21
C SER D 44 -23.22 -15.68 -2.11
N LYS D 45 -21.90 -15.60 -2.10
CA LYS D 45 -21.06 -16.52 -2.88
C LYS D 45 -21.31 -17.97 -2.45
N ASP D 46 -21.22 -18.22 -1.16
CA ASP D 46 -21.50 -19.54 -0.60
C ASP D 46 -22.94 -19.95 -0.89
N SER D 47 -23.84 -18.97 -0.88
CA SER D 47 -25.26 -19.21 -1.11
C SER D 47 -25.49 -19.76 -2.51
N PHE D 48 -24.97 -19.08 -3.52
CA PHE D 48 -25.11 -19.56 -4.89
C PHE D 48 -24.27 -20.81 -5.14
N ALA D 49 -23.22 -20.98 -4.34
CA ALA D 49 -22.41 -22.18 -4.39
C ALA D 49 -23.23 -23.42 -4.03
N VAL D 50 -23.83 -23.40 -2.85
CA VAL D 50 -24.67 -24.52 -2.44
C VAL D 50 -25.96 -24.59 -3.27
N LEU D 51 -26.37 -23.46 -3.85
CA LEU D 51 -27.51 -23.46 -4.75
C LEU D 51 -27.24 -24.27 -6.01
N LEU D 52 -26.07 -24.05 -6.61
CA LEU D 52 -25.69 -24.82 -7.79
C LEU D 52 -25.36 -26.25 -7.43
N GLU D 53 -24.74 -26.44 -6.27
CA GLU D 53 -24.43 -27.77 -5.76
C GLU D 53 -25.69 -28.61 -5.62
N PHE D 54 -26.72 -28.02 -5.04
CA PHE D 54 -28.01 -28.68 -4.91
C PHE D 54 -28.69 -28.79 -6.27
N ALA D 55 -28.36 -27.87 -7.17
CA ALA D 55 -28.89 -27.89 -8.53
C ALA D 55 -28.36 -29.06 -9.34
N GLU D 56 -27.18 -29.55 -8.96
CA GLU D 56 -26.57 -30.67 -9.67
C GLU D 56 -26.77 -32.02 -8.98
N GLU D 57 -26.63 -32.03 -7.66
CA GLU D 57 -26.63 -33.28 -6.91
C GLU D 57 -27.98 -33.96 -6.78
N GLN D 58 -28.98 -33.25 -6.26
CA GLN D 58 -30.27 -33.89 -5.96
C GLN D 58 -31.36 -33.68 -7.01
N LEU D 59 -31.50 -32.45 -7.51
CA LEU D 59 -32.54 -32.16 -8.50
C LEU D 59 -32.03 -32.39 -9.92
N ARG D 60 -30.72 -32.60 -10.05
CA ARG D 60 -30.06 -32.92 -11.31
C ARG D 60 -30.53 -32.08 -12.51
N ALA D 61 -30.35 -30.77 -12.41
CA ALA D 61 -30.69 -29.84 -13.48
C ALA D 61 -29.74 -30.02 -14.65
N ASP D 62 -30.27 -29.86 -15.87
CA ASP D 62 -29.41 -29.88 -17.05
C ASP D 62 -29.05 -28.45 -17.43
N HIS D 63 -29.63 -27.49 -16.72
CA HIS D 63 -29.44 -26.09 -17.05
C HIS D 63 -29.86 -25.14 -15.91
N VAL D 64 -28.97 -24.19 -15.61
CA VAL D 64 -29.30 -23.13 -14.65
C VAL D 64 -29.38 -21.79 -15.36
N PHE D 65 -30.21 -20.90 -14.85
CA PHE D 65 -30.57 -19.70 -15.58
C PHE D 65 -30.77 -18.54 -14.61
N ILE D 66 -30.31 -17.35 -14.97
CA ILE D 66 -30.53 -16.18 -14.12
C ILE D 66 -31.34 -15.14 -14.90
N CYS D 67 -32.37 -14.57 -14.27
CA CYS D 67 -33.15 -13.55 -14.95
C CYS D 67 -33.50 -12.33 -14.10
N PHE D 68 -33.35 -11.14 -14.66
CA PHE D 68 -33.81 -9.93 -13.95
C PHE D 68 -34.05 -8.80 -14.93
N HIS D 69 -34.92 -7.86 -14.58
CA HIS D 69 -35.29 -6.78 -15.52
C HIS D 69 -34.07 -5.93 -15.90
N LYS D 70 -34.11 -5.44 -17.14
CA LYS D 70 -33.01 -4.71 -17.76
C LYS D 70 -32.69 -3.34 -17.13
N ASN D 71 -33.72 -2.52 -16.91
CA ASN D 71 -33.49 -1.13 -16.50
C ASN D 71 -33.18 -0.90 -15.02
N ARG D 72 -31.91 -1.12 -14.68
CA ARG D 72 -31.36 -0.81 -13.35
C ARG D 72 -29.92 -0.31 -13.48
N GLU D 73 -29.42 0.36 -12.45
CA GLU D 73 -28.11 1.00 -12.49
C GLU D 73 -26.96 0.08 -12.08
N ASP D 74 -27.29 -1.14 -11.66
CA ASP D 74 -26.27 -2.11 -11.26
C ASP D 74 -26.27 -3.33 -12.18
N ARG D 75 -26.60 -3.11 -13.45
CA ARG D 75 -26.62 -4.15 -14.47
C ARG D 75 -25.24 -4.78 -14.73
N ALA D 76 -24.22 -3.94 -14.96
CA ALA D 76 -22.89 -4.41 -15.28
C ALA D 76 -22.26 -5.27 -14.19
N ALA D 77 -22.57 -4.97 -12.93
CA ALA D 77 -22.02 -5.73 -11.81
C ALA D 77 -22.47 -7.18 -11.86
N LEU D 78 -23.77 -7.39 -12.08
CA LEU D 78 -24.33 -8.74 -12.14
C LEU D 78 -23.97 -9.42 -13.45
N LEU D 79 -23.90 -8.64 -14.52
CA LEU D 79 -23.49 -9.16 -15.82
C LEU D 79 -22.09 -9.76 -15.76
N ARG D 80 -21.14 -8.99 -15.24
CA ARG D 80 -19.78 -9.48 -15.07
C ARG D 80 -19.71 -10.58 -14.02
N THR D 81 -20.60 -10.49 -13.03
CA THR D 81 -20.67 -11.50 -11.97
C THR D 81 -20.94 -12.88 -12.54
N PHE D 82 -22.08 -13.01 -13.20
CA PHE D 82 -22.43 -14.30 -13.80
C PHE D 82 -21.55 -14.59 -15.00
N SER D 83 -20.88 -13.57 -15.53
CA SER D 83 -19.89 -13.81 -16.59
C SER D 83 -18.71 -14.62 -16.08
N PHE D 84 -18.10 -14.20 -14.97
CA PHE D 84 -17.02 -15.00 -14.38
C PHE D 84 -17.56 -16.29 -13.78
N LEU D 85 -18.78 -16.26 -13.27
CA LEU D 85 -19.39 -17.48 -12.71
C LEU D 85 -19.63 -18.56 -13.76
N GLY D 86 -19.65 -18.16 -15.02
CA GLY D 86 -19.76 -19.11 -16.11
C GLY D 86 -21.04 -19.03 -16.93
N PHE D 87 -21.92 -18.12 -16.55
CA PHE D 87 -23.19 -17.96 -17.26
C PHE D 87 -22.96 -17.25 -18.60
N GLU D 88 -23.81 -17.55 -19.57
CA GLU D 88 -23.69 -16.94 -20.89
C GLU D 88 -24.98 -16.21 -21.28
N ILE D 89 -24.84 -15.15 -22.07
CA ILE D 89 -25.98 -14.34 -22.46
C ILE D 89 -26.92 -15.09 -23.40
N VAL D 90 -28.20 -15.08 -23.05
CA VAL D 90 -29.24 -15.71 -23.87
C VAL D 90 -30.21 -14.68 -24.45
N ARG D 91 -30.37 -14.71 -25.77
CA ARG D 91 -31.26 -13.81 -26.50
C ARG D 91 -32.73 -14.13 -26.29
N PRO D 92 -33.54 -13.11 -25.95
CA PRO D 92 -35.00 -13.30 -25.81
C PRO D 92 -35.61 -13.89 -27.06
N GLY D 93 -36.55 -14.82 -26.89
CA GLY D 93 -37.16 -15.50 -28.00
C GLY D 93 -36.89 -17.00 -28.01
N HIS D 94 -36.09 -17.45 -27.05
CA HIS D 94 -35.78 -18.86 -26.90
C HIS D 94 -36.99 -19.59 -26.30
N PRO D 95 -37.34 -20.76 -26.87
CA PRO D 95 -38.45 -21.63 -26.45
C PRO D 95 -38.57 -21.83 -24.93
N LEU D 96 -37.43 -21.96 -24.25
CA LEU D 96 -37.38 -22.18 -22.81
C LEU D 96 -37.39 -20.89 -22.00
N VAL D 97 -37.35 -19.75 -22.68
CA VAL D 97 -37.35 -18.46 -22.02
C VAL D 97 -38.74 -17.81 -22.05
N PRO D 98 -39.24 -17.41 -20.88
CA PRO D 98 -40.55 -16.74 -20.75
C PRO D 98 -40.59 -15.41 -21.49
N LYS D 99 -41.72 -15.15 -22.15
CA LYS D 99 -41.88 -13.96 -22.97
C LYS D 99 -41.97 -12.66 -22.18
N ARG D 100 -40.82 -12.05 -21.91
CA ARG D 100 -40.77 -10.75 -21.25
C ARG D 100 -39.60 -9.94 -21.78
N PRO D 101 -39.89 -8.97 -22.67
CA PRO D 101 -38.84 -8.19 -23.34
C PRO D 101 -38.23 -7.13 -22.44
N ASP D 102 -38.74 -7.00 -21.21
CA ASP D 102 -38.21 -6.01 -20.28
C ASP D 102 -37.28 -6.66 -19.27
N ALA D 103 -36.76 -7.83 -19.61
CA ALA D 103 -35.87 -8.55 -18.71
C ALA D 103 -34.66 -9.14 -19.43
N CYS D 104 -33.51 -9.09 -18.77
CA CYS D 104 -32.28 -9.69 -19.27
C CYS D 104 -32.07 -11.08 -18.68
N PHE D 105 -31.45 -11.93 -19.48
CA PHE D 105 -31.35 -13.36 -19.20
C PHE D 105 -29.92 -13.87 -19.42
N MET D 106 -29.40 -14.62 -18.46
CA MET D 106 -28.12 -15.32 -18.65
C MET D 106 -28.28 -16.81 -18.37
N ALA D 107 -27.37 -17.63 -18.88
CA ALA D 107 -27.51 -19.09 -18.80
C ALA D 107 -26.19 -19.86 -18.61
N TYR D 108 -26.26 -20.90 -17.78
CA TYR D 108 -25.14 -21.82 -17.56
C TYR D 108 -25.56 -23.28 -17.75
N THR D 109 -24.82 -23.97 -18.62
CA THR D 109 -25.11 -25.35 -18.99
C THR D 109 -24.11 -26.31 -18.36
N PHE D 110 -24.57 -27.50 -18.00
CA PHE D 110 -23.71 -28.49 -17.36
C PHE D 110 -23.18 -29.56 -18.32
N GLU D 111 -22.64 -30.62 -17.74
CA GLU D 111 -22.08 -31.73 -18.50
C GLU D 111 -22.86 -33.02 -18.25
#